data_5RAJ
#
_entry.id   5RAJ
#
_cell.length_a   57.560
_cell.length_b   93.330
_cell.length_c   93.897
_cell.angle_alpha   90.000
_cell.angle_beta   108.120
_cell.angle_gamma   90.000
#
_symmetry.space_group_name_H-M   'P 1 21 1'
#
loop_
_entity.id
_entity.type
_entity.pdbx_description
1 polymer 'Lysine-specific demethylase 3B'
2 non-polymer 2,4-dichloro-N-(pyridin-3-yl)benzamide
3 non-polymer 'CHLORIDE ION'
4 non-polymer 'MANGANESE (II) ION'
5 water water
#
_entity_poly.entity_id   1
_entity_poly.type   'polypeptide(L)'
_entity_poly.pdbx_seq_one_letter_code
;MHHHHHHSSGVDLGTENLYFQSMTSHSWLCDGRLLCLHDPSNKNNWKIFRECWKQGQPVLVSGVHKKLKSELWKPEAFSQ
EFGDQDVDLVNCRNCAIISDVKVRDFWDGFEIICKRLRSEDGQPMVLKLKDWPPGEDFRDMMPTRFEDLMENLPLPEYTK
RDGRLNLASRLPSYFVRPDLGPKMYNAYGLITAEDRRVGTTNLHLDVSDAVNVMVYVGIPIGEGAHDEEVLKTIDEGDAD
EVTKERIHDHKEKPGALWHIYAAKDAEKIRELLRKVGEEQGQENPPDHDPIHDQSWYLDQTLRKRLYEEYGVQGWAIVQF
LGDAVFIPAGAPHQVHNLYSCIKVAEDFVSPEHVKHCFRLTQEFRHLSNTHT
;
_entity_poly.pdbx_strand_id   A,B
#
loop_
_chem_comp.id
_chem_comp.type
_chem_comp.name
_chem_comp.formula
CL non-polymer 'CHLORIDE ION' 'Cl -1'
MN non-polymer 'MANGANESE (II) ION' 'Mn 2'
W77 non-polymer 2,4-dichloro-N-(pyridin-3-yl)benzamide 'C12 H8 Cl2 N2 O'
#
# COMPACT_ATOMS: atom_id res chain seq x y z
N SER A 22 27.44 35.54 24.70
CA SER A 22 28.29 35.62 23.46
C SER A 22 27.78 34.57 22.47
N MET A 23 28.02 34.78 21.17
CA MET A 23 27.70 33.81 20.09
C MET A 23 28.54 32.54 20.28
N THR A 24 27.89 31.37 20.22
CA THR A 24 28.56 30.05 20.30
C THR A 24 28.04 29.16 19.17
N SER A 25 28.83 28.17 18.81
CA SER A 25 28.51 27.13 17.79
C SER A 25 27.26 26.31 18.20
N HIS A 26 27.14 25.93 19.47
CA HIS A 26 26.11 24.99 19.96
C HIS A 26 25.97 25.03 21.47
N SER A 27 24.98 24.30 21.95
CA SER A 27 24.62 24.05 23.35
C SER A 27 23.88 22.73 23.43
N TRP A 28 23.48 22.35 24.65
CA TRP A 28 22.89 21.01 24.92
C TRP A 28 21.52 21.22 25.59
N LEU A 29 20.59 20.38 25.20
CA LEU A 29 19.30 20.21 25.90
C LEU A 29 19.16 18.75 26.39
N CYS A 30 18.06 18.42 27.07
CA CYS A 30 17.77 17.05 27.58
C CYS A 30 18.95 16.56 28.42
N ASP A 31 19.49 17.42 29.31
CA ASP A 31 20.61 17.11 30.24
C ASP A 31 21.84 16.59 29.48
N GLY A 32 22.18 17.13 28.30
CA GLY A 32 23.36 16.76 27.49
C GLY A 32 23.10 15.72 26.39
N ARG A 33 21.88 15.18 26.34
CA ARG A 33 21.54 14.10 25.38
C ARG A 33 21.06 14.67 24.02
N LEU A 34 20.78 15.99 23.92
CA LEU A 34 20.30 16.59 22.64
C LEU A 34 21.23 17.73 22.20
N LEU A 35 21.88 17.57 21.04
CA LEU A 35 22.67 18.67 20.42
C LEU A 35 21.73 19.79 19.93
N CYS A 36 22.03 21.05 20.27
N CYS A 36 22.08 21.04 20.21
CA CYS A 36 21.37 22.26 19.70
CA CYS A 36 21.42 22.26 19.69
C CYS A 36 22.39 23.12 18.93
C CYS A 36 22.42 23.13 18.93
N LEU A 37 22.32 23.13 17.60
CA LEU A 37 23.21 23.94 16.73
C LEU A 37 22.63 25.36 16.61
N HIS A 38 23.48 26.39 16.72
CA HIS A 38 22.98 27.80 16.82
C HIS A 38 22.92 28.55 15.48
N ASP A 39 23.79 28.23 14.53
CA ASP A 39 23.92 28.92 13.22
C ASP A 39 23.46 27.94 12.15
N PRO A 40 22.24 28.10 11.59
CA PRO A 40 21.71 27.11 10.64
C PRO A 40 22.52 26.95 9.36
N SER A 41 23.34 27.94 8.97
CA SER A 41 24.05 27.92 7.66
C SER A 41 25.55 27.76 7.85
N ASN A 42 26.04 27.50 9.06
CA ASN A 42 27.50 27.34 9.31
C ASN A 42 28.06 26.17 8.51
N LYS A 43 29.12 26.45 7.72
CA LYS A 43 29.73 25.43 6.82
C LYS A 43 30.33 24.27 7.62
N ASN A 44 30.64 24.44 8.92
CA ASN A 44 31.27 23.38 9.77
C ASN A 44 30.25 22.62 10.67
N ASN A 45 28.94 22.83 10.54
CA ASN A 45 27.92 22.14 11.40
C ASN A 45 28.09 20.61 11.32
N TRP A 46 28.43 20.09 10.13
CA TRP A 46 28.57 18.63 9.90
C TRP A 46 29.55 17.98 10.90
N LYS A 47 30.63 18.70 11.31
CA LYS A 47 31.68 18.15 12.19
C LYS A 47 31.12 17.81 13.59
N ILE A 48 30.12 18.54 14.06
CA ILE A 48 29.45 18.38 15.39
C ILE A 48 28.23 17.43 15.25
N PHE A 49 27.48 17.60 14.18
CA PHE A 49 26.25 16.84 13.88
C PHE A 49 26.51 15.35 13.70
N ARG A 50 27.57 15.01 12.96
N ARG A 50 27.54 14.99 12.95
CA ARG A 50 27.79 13.66 12.39
CA ARG A 50 27.62 13.60 12.42
C ARG A 50 27.90 12.60 13.49
C ARG A 50 27.84 12.58 13.54
N GLU A 51 28.59 12.91 14.59
CA GLU A 51 28.78 11.93 15.69
C GLU A 51 27.48 11.68 16.48
N CYS A 52 26.71 12.74 16.75
CA CYS A 52 25.43 12.59 17.44
C CYS A 52 24.48 11.75 16.55
N TRP A 53 24.45 12.02 15.26
CA TRP A 53 23.55 11.39 14.28
C TRP A 53 23.87 9.89 14.16
N LYS A 54 25.16 9.55 14.19
CA LYS A 54 25.60 8.14 14.04
C LYS A 54 25.14 7.33 15.25
N GLN A 55 25.00 7.95 16.42
CA GLN A 55 24.53 7.32 17.70
C GLN A 55 23.00 7.18 17.71
N GLY A 56 22.29 7.65 16.69
CA GLY A 56 20.81 7.48 16.62
C GLY A 56 20.02 8.57 17.36
N GLN A 57 20.67 9.66 17.74
CA GLN A 57 20.02 10.80 18.43
C GLN A 57 19.32 11.75 17.46
N PRO A 58 18.18 12.31 17.87
CA PRO A 58 17.65 13.49 17.19
C PRO A 58 18.59 14.68 17.41
N VAL A 59 18.50 15.73 16.59
CA VAL A 59 19.28 17.00 16.71
C VAL A 59 18.33 18.18 16.50
N LEU A 60 18.58 19.28 17.20
CA LEU A 60 17.81 20.53 17.00
C LEU A 60 18.73 21.59 16.38
N VAL A 61 18.23 22.38 15.39
CA VAL A 61 18.97 23.53 14.81
C VAL A 61 18.07 24.75 14.96
N SER A 62 18.52 25.79 15.66
CA SER A 62 17.71 27.02 15.84
C SER A 62 18.04 28.09 14.78
N GLY A 63 17.14 29.09 14.66
CA GLY A 63 17.37 30.30 13.85
C GLY A 63 16.97 30.21 12.40
N VAL A 64 16.26 29.15 11.95
CA VAL A 64 15.95 28.99 10.50
C VAL A 64 14.96 30.06 10.01
N HIS A 65 14.07 30.59 10.87
CA HIS A 65 13.05 31.59 10.42
C HIS A 65 13.70 32.94 10.12
N LYS A 66 14.88 33.25 10.68
CA LYS A 66 15.63 34.46 10.30
C LYS A 66 16.20 34.36 8.86
N LYS A 67 16.32 33.16 8.27
CA LYS A 67 16.82 32.95 6.89
C LYS A 67 15.70 33.00 5.84
N LEU A 68 14.44 32.87 6.25
CA LEU A 68 13.30 32.75 5.30
C LEU A 68 12.71 34.13 4.96
N LYS A 69 11.87 34.13 3.94
CA LYS A 69 11.00 35.28 3.52
C LYS A 69 9.72 35.18 4.36
N SER A 70 9.68 35.91 5.47
CA SER A 70 8.65 35.79 6.54
C SER A 70 7.24 35.98 5.97
N GLU A 71 7.08 36.81 4.92
CA GLU A 71 5.75 37.10 4.32
C GLU A 71 5.14 35.88 3.59
N LEU A 72 5.95 34.87 3.20
CA LEU A 72 5.47 33.67 2.46
C LEU A 72 4.79 32.70 3.44
N TRP A 73 5.08 32.79 4.74
CA TRP A 73 4.81 31.70 5.72
C TRP A 73 3.80 32.19 6.77
N LYS A 74 2.75 32.85 6.30
CA LYS A 74 1.75 33.53 7.19
C LYS A 74 0.38 32.95 6.88
N PRO A 75 -0.47 32.70 7.88
CA PRO A 75 -1.79 32.11 7.63
C PRO A 75 -2.69 32.93 6.68
N GLU A 76 -2.66 34.26 6.81
CA GLU A 76 -3.47 35.17 5.93
C GLU A 76 -3.05 35.01 4.46
N ALA A 77 -1.76 34.84 4.16
CA ALA A 77 -1.30 34.61 2.77
C ALA A 77 -1.86 33.29 2.23
N PHE A 78 -1.82 32.19 2.99
CA PHE A 78 -2.31 30.88 2.53
C PHE A 78 -3.81 31.01 2.21
N SER A 79 -4.53 31.74 3.05
CA SER A 79 -5.99 31.91 2.88
C SER A 79 -6.29 32.70 1.58
N GLN A 80 -5.59 33.81 1.38
CA GLN A 80 -5.77 34.76 0.25
C GLN A 80 -5.44 34.02 -1.05
N GLU A 81 -4.40 33.19 -1.05
CA GLU A 81 -3.88 32.57 -2.30
C GLU A 81 -4.60 31.26 -2.66
N PHE A 82 -5.04 30.45 -1.68
CA PHE A 82 -5.50 29.06 -1.90
C PHE A 82 -6.88 28.81 -1.27
N GLY A 83 -7.56 29.84 -0.71
CA GLY A 83 -8.75 29.67 0.16
C GLY A 83 -9.92 28.94 -0.48
N ASP A 84 -10.03 28.98 -1.80
CA ASP A 84 -11.19 28.38 -2.54
C ASP A 84 -10.99 26.89 -2.80
N GLN A 85 -9.82 26.30 -2.47
CA GLN A 85 -9.61 24.84 -2.62
C GLN A 85 -10.50 24.04 -1.66
N ASP A 86 -10.98 22.88 -2.12
CA ASP A 86 -11.74 21.90 -1.32
C ASP A 86 -10.79 20.99 -0.54
N VAL A 87 -11.12 20.71 0.72
CA VAL A 87 -10.24 19.93 1.65
C VAL A 87 -11.07 19.23 2.70
N ASP A 88 -10.46 18.25 3.35
CA ASP A 88 -10.97 17.66 4.60
C ASP A 88 -10.12 18.15 5.77
N LEU A 89 -10.76 18.28 6.94
CA LEU A 89 -10.11 18.62 8.24
C LEU A 89 -10.25 17.43 9.17
N VAL A 90 -9.42 17.37 10.19
CA VAL A 90 -9.57 16.40 11.31
C VAL A 90 -9.79 17.14 12.63
N ASN A 91 -10.76 16.67 13.41
CA ASN A 91 -10.97 17.13 14.79
C ASN A 91 -9.96 16.39 15.70
N CYS A 92 -8.99 17.12 16.27
CA CYS A 92 -7.88 16.54 17.06
C CYS A 92 -8.41 15.86 18.33
N ARG A 93 -9.52 16.33 18.91
CA ARG A 93 -10.09 15.76 20.18
C ARG A 93 -10.68 14.34 20.00
N ASN A 94 -11.28 13.98 18.85
CA ASN A 94 -11.97 12.66 18.65
C ASN A 94 -11.55 11.97 17.34
N CYS A 95 -10.63 12.52 16.57
CA CYS A 95 -10.16 11.99 15.26
C CYS A 95 -11.27 11.95 14.19
N ALA A 96 -12.40 12.64 14.38
CA ALA A 96 -13.49 12.69 13.36
C ALA A 96 -13.03 13.51 12.15
N ILE A 97 -13.52 13.12 10.97
CA ILE A 97 -13.22 13.84 9.69
C ILE A 97 -14.34 14.84 9.41
N ILE A 98 -13.98 16.11 9.14
CA ILE A 98 -14.91 17.12 8.60
C ILE A 98 -14.68 17.16 7.09
N SER A 99 -15.63 16.60 6.32
CA SER A 99 -15.51 16.36 4.85
C SER A 99 -15.91 17.60 4.04
N ASP A 100 -15.15 17.90 2.99
CA ASP A 100 -15.51 18.76 1.83
C ASP A 100 -15.85 20.17 2.32
N VAL A 101 -14.89 20.79 2.99
CA VAL A 101 -15.00 22.23 3.33
C VAL A 101 -13.91 22.97 2.58
N LYS A 102 -13.76 24.26 2.81
CA LYS A 102 -12.85 25.12 2.04
C LYS A 102 -11.59 25.35 2.86
N VAL A 103 -10.46 25.48 2.17
CA VAL A 103 -9.17 25.75 2.85
C VAL A 103 -9.29 27.03 3.71
N ARG A 104 -10.07 28.02 3.25
CA ARG A 104 -10.22 29.29 4.03
C ARG A 104 -10.90 28.98 5.38
N ASP A 105 -11.76 27.97 5.48
CA ASP A 105 -12.49 27.69 6.77
C ASP A 105 -11.48 27.31 7.85
N PHE A 106 -10.36 26.68 7.45
CA PHE A 106 -9.24 26.37 8.39
C PHE A 106 -8.41 27.63 8.68
N TRP A 107 -7.87 28.30 7.66
CA TRP A 107 -6.87 29.39 7.83
C TRP A 107 -7.48 30.60 8.56
N ASP A 108 -8.72 30.96 8.27
CA ASP A 108 -9.34 32.19 8.85
C ASP A 108 -9.54 32.04 10.37
N GLY A 109 -9.66 30.82 10.93
CA GLY A 109 -9.72 30.63 12.39
C GLY A 109 -8.36 30.27 13.07
N PHE A 110 -7.26 30.36 12.37
CA PHE A 110 -5.94 29.86 12.87
C PHE A 110 -5.53 30.57 14.16
N GLU A 111 -5.75 31.88 14.23
CA GLU A 111 -5.29 32.73 15.36
C GLU A 111 -6.46 33.47 15.99
N ILE A 112 -7.56 33.65 15.27
CA ILE A 112 -8.69 34.48 15.73
C ILE A 112 -9.80 33.53 16.17
N ILE A 113 -9.92 33.23 17.47
CA ILE A 113 -10.77 32.15 17.98
C ILE A 113 -12.26 32.40 17.64
N CYS A 114 -12.75 33.66 17.61
CA CYS A 114 -14.16 34.01 17.25
C CYS A 114 -14.47 33.67 15.77
N LYS A 115 -13.51 33.19 14.95
CA LYS A 115 -13.77 32.83 13.53
C LYS A 115 -13.70 31.30 13.37
N ARG A 116 -13.40 30.53 14.42
CA ARG A 116 -13.25 29.04 14.30
C ARG A 116 -14.56 28.30 14.20
N LEU A 117 -14.57 27.23 13.40
CA LEU A 117 -15.67 26.24 13.36
C LEU A 117 -15.92 25.76 14.78
N ARG A 118 -17.19 25.70 15.18
CA ARG A 118 -17.60 25.35 16.56
C ARG A 118 -18.33 24.01 16.47
N SER A 119 -18.08 23.09 17.41
CA SER A 119 -18.71 21.74 17.42
C SER A 119 -20.20 21.89 17.76
N GLU A 120 -20.91 20.77 17.91
CA GLU A 120 -22.36 20.77 18.26
C GLU A 120 -22.56 21.21 19.72
N ASP A 121 -21.57 21.02 20.59
CA ASP A 121 -21.62 21.60 21.97
C ASP A 121 -21.40 23.13 21.97
N GLY A 122 -21.09 23.76 20.82
CA GLY A 122 -20.78 25.20 20.72
C GLY A 122 -19.36 25.57 21.12
N GLN A 123 -18.47 24.60 21.33
CA GLN A 123 -17.05 24.89 21.65
C GLN A 123 -16.27 25.11 20.35
N PRO A 124 -15.29 26.02 20.36
CA PRO A 124 -14.39 26.14 19.22
C PRO A 124 -13.52 24.89 19.08
N MET A 125 -13.44 24.33 17.87
CA MET A 125 -12.76 23.04 17.65
C MET A 125 -11.26 23.25 17.48
N VAL A 126 -10.53 22.18 17.82
CA VAL A 126 -9.06 22.08 17.61
C VAL A 126 -8.88 21.24 16.37
N LEU A 127 -8.54 21.87 15.22
CA LEU A 127 -8.57 21.23 13.88
C LEU A 127 -7.15 21.10 13.31
N LYS A 128 -6.99 20.15 12.41
CA LYS A 128 -5.81 19.89 11.58
C LYS A 128 -6.23 19.90 10.12
N LEU A 129 -5.44 20.52 9.23
CA LEU A 129 -5.65 20.48 7.76
C LEU A 129 -5.05 19.17 7.24
N LYS A 130 -5.87 18.29 6.66
CA LYS A 130 -5.44 16.94 6.19
C LYS A 130 -4.88 16.98 4.74
N ASP A 131 -3.72 16.35 4.51
CA ASP A 131 -3.17 16.10 3.15
C ASP A 131 -3.24 17.36 2.27
N TRP A 132 -2.60 18.44 2.69
CA TRP A 132 -2.59 19.73 1.92
C TRP A 132 -1.22 20.39 2.01
N PRO A 133 -0.65 20.85 0.88
CA PRO A 133 -1.08 20.46 -0.47
C PRO A 133 -1.11 18.94 -0.67
N PRO A 134 -1.99 18.44 -1.56
CA PRO A 134 -2.20 17.00 -1.68
C PRO A 134 -1.00 16.29 -2.35
N GLY A 135 -0.67 15.11 -1.81
CA GLY A 135 0.39 14.21 -2.31
C GLY A 135 1.70 14.93 -2.51
N GLU A 136 2.18 14.98 -3.75
CA GLU A 136 3.51 15.52 -4.13
C GLU A 136 3.35 16.88 -4.81
N ASP A 137 2.19 17.55 -4.66
CA ASP A 137 1.85 18.81 -5.38
C ASP A 137 2.49 20.07 -4.76
N PHE A 138 3.23 20.00 -3.65
CA PHE A 138 3.80 21.20 -2.99
C PHE A 138 4.55 22.07 -3.99
N ARG A 139 5.48 21.48 -4.74
CA ARG A 139 6.42 22.22 -5.63
C ARG A 139 5.63 22.92 -6.76
N ASP A 140 4.67 22.25 -7.37
CA ASP A 140 3.84 22.80 -8.48
C ASP A 140 2.92 23.92 -7.95
N MET A 141 2.29 23.73 -6.78
CA MET A 141 1.29 24.68 -6.22
C MET A 141 2.03 25.90 -5.68
N MET A 142 3.22 25.69 -5.07
CA MET A 142 3.91 26.75 -4.30
C MET A 142 5.40 26.82 -4.66
N PRO A 143 5.76 27.21 -5.90
CA PRO A 143 7.17 27.19 -6.33
C PRO A 143 8.09 28.17 -5.60
N THR A 144 7.62 29.36 -5.19
CA THR A 144 8.42 30.36 -4.45
C THR A 144 8.70 29.83 -3.01
N ARG A 145 7.70 29.27 -2.35
CA ARG A 145 7.88 28.64 -0.99
C ARG A 145 8.83 27.46 -1.10
N PHE A 146 8.71 26.64 -2.11
CA PHE A 146 9.61 25.46 -2.30
C PHE A 146 11.07 25.92 -2.35
N GLU A 147 11.38 26.91 -3.19
CA GLU A 147 12.75 27.45 -3.32
C GLU A 147 13.22 28.05 -1.99
N ASP A 148 12.39 28.85 -1.30
CA ASP A 148 12.74 29.50 -0.03
C ASP A 148 13.07 28.43 1.02
N LEU A 149 12.32 27.33 1.09
CA LEU A 149 12.62 26.26 2.08
C LEU A 149 13.94 25.59 1.67
N MET A 150 14.01 25.08 0.45
CA MET A 150 15.12 24.14 0.08
C MET A 150 16.49 24.87 0.16
N GLU A 151 16.55 26.16 -0.15
CA GLU A 151 17.82 26.95 -0.12
C GLU A 151 18.24 27.29 1.33
N ASN A 152 17.39 27.06 2.35
CA ASN A 152 17.69 27.51 3.72
C ASN A 152 17.63 26.34 4.71
N LEU A 153 17.44 25.10 4.25
CA LEU A 153 17.51 23.91 5.14
C LEU A 153 18.93 23.80 5.69
N PRO A 154 19.08 23.56 7.00
CA PRO A 154 20.39 23.22 7.56
C PRO A 154 20.89 21.85 7.07
N LEU A 155 22.21 21.62 7.24
CA LEU A 155 22.91 20.34 6.90
C LEU A 155 22.61 19.95 5.45
N PRO A 156 22.83 20.90 4.50
CA PRO A 156 22.38 20.74 3.12
C PRO A 156 22.96 19.50 2.42
N GLU A 157 24.15 19.01 2.79
CA GLU A 157 24.67 17.77 2.12
C GLU A 157 23.73 16.61 2.44
N TYR A 158 23.06 16.63 3.60
CA TYR A 158 22.11 15.59 4.02
C TYR A 158 20.71 15.91 3.46
N THR A 159 20.26 17.18 3.50
CA THR A 159 18.79 17.49 3.39
C THR A 159 18.34 17.93 1.98
N LYS A 160 19.23 18.39 1.12
CA LYS A 160 18.85 18.79 -0.26
C LYS A 160 18.59 17.55 -1.13
N ARG A 161 17.69 17.69 -2.11
CA ARG A 161 17.22 16.52 -2.91
C ARG A 161 18.44 15.81 -3.52
N ASP A 162 19.45 16.58 -3.94
CA ASP A 162 20.70 16.14 -4.62
C ASP A 162 21.95 16.27 -3.72
N GLY A 163 21.78 16.36 -2.39
CA GLY A 163 22.95 16.44 -1.49
C GLY A 163 23.84 15.21 -1.63
N ARG A 164 25.13 15.38 -1.42
CA ARG A 164 26.11 14.26 -1.53
C ARG A 164 25.93 13.19 -0.47
N LEU A 165 25.34 13.50 0.71
CA LEU A 165 25.05 12.47 1.73
C LEU A 165 23.56 12.11 1.81
N ASN A 166 22.79 12.45 0.76
CA ASN A 166 21.37 12.02 0.67
C ASN A 166 21.31 10.91 -0.37
N LEU A 167 21.03 9.69 0.05
CA LEU A 167 21.08 8.53 -0.90
C LEU A 167 19.72 8.38 -1.61
N ALA A 168 18.75 9.25 -1.38
CA ALA A 168 17.37 9.02 -1.91
C ALA A 168 17.38 8.75 -3.42
N SER A 169 18.14 9.53 -4.18
CA SER A 169 18.14 9.46 -5.67
C SER A 169 19.13 8.42 -6.18
N ARG A 170 19.81 7.68 -5.29
CA ARG A 170 21.00 6.84 -5.63
C ARG A 170 20.79 5.38 -5.22
N LEU A 171 19.57 4.96 -4.86
CA LEU A 171 19.35 3.59 -4.32
C LEU A 171 18.42 2.79 -5.25
N PRO A 172 18.66 1.47 -5.40
CA PRO A 172 17.74 0.64 -6.19
C PRO A 172 16.47 0.33 -5.38
N SER A 173 15.55 -0.43 -5.99
CA SER A 173 14.20 -0.73 -5.46
C SER A 173 14.25 -1.67 -4.24
N TYR A 174 15.40 -2.29 -3.94
CA TYR A 174 15.67 -3.02 -2.68
C TYR A 174 15.53 -2.09 -1.45
N PHE A 175 15.46 -0.78 -1.67
CA PHE A 175 15.31 0.25 -0.60
C PHE A 175 14.01 1.02 -0.82
N VAL A 176 13.26 1.20 0.26
CA VAL A 176 12.08 2.10 0.26
C VAL A 176 12.61 3.52 0.14
N ARG A 177 12.12 4.23 -0.86
CA ARG A 177 12.52 5.63 -1.17
C ARG A 177 11.40 6.54 -0.68
N PRO A 178 11.73 7.68 -0.04
CA PRO A 178 10.70 8.61 0.38
C PRO A 178 9.97 9.27 -0.80
N ASP A 179 8.71 9.65 -0.58
CA ASP A 179 7.89 10.46 -1.52
C ASP A 179 8.65 11.77 -1.74
N LEU A 180 8.41 12.41 -2.89
CA LEU A 180 8.91 13.78 -3.17
C LEU A 180 8.16 14.74 -2.24
N GLY A 181 8.92 15.61 -1.57
CA GLY A 181 8.42 16.47 -0.49
C GLY A 181 8.45 17.89 -1.02
N PRO A 182 8.38 18.89 -0.15
CA PRO A 182 8.08 18.69 1.26
C PRO A 182 6.60 18.47 1.60
N LYS A 183 6.36 18.19 2.88
CA LYS A 183 5.01 17.95 3.48
C LYS A 183 4.73 18.98 4.58
N MET A 184 3.50 19.50 4.65
CA MET A 184 3.11 20.48 5.67
C MET A 184 2.34 19.79 6.81
N TYR A 185 2.52 20.32 8.01
CA TYR A 185 1.81 19.95 9.26
C TYR A 185 1.21 21.25 9.79
N ASN A 186 -0.10 21.40 9.54
CA ASN A 186 -0.85 22.66 9.87
C ASN A 186 -1.99 22.29 10.83
N ALA A 187 -1.95 22.79 12.05
CA ALA A 187 -2.94 22.43 13.11
C ALA A 187 -3.02 23.48 14.20
N TYR A 188 -4.19 23.63 14.81
CA TYR A 188 -4.43 24.58 15.92
C TYR A 188 -3.72 24.05 17.20
N GLY A 189 -3.55 24.92 18.17
CA GLY A 189 -3.03 24.55 19.51
C GLY A 189 -4.08 23.79 20.34
N LEU A 190 -3.66 22.84 21.16
CA LEU A 190 -4.52 22.19 22.17
C LEU A 190 -4.67 23.18 23.34
N ILE A 191 -5.83 23.20 24.00
CA ILE A 191 -6.23 24.36 24.85
C ILE A 191 -6.40 23.97 26.32
N THR A 192 -7.26 23.00 26.60
CA THR A 192 -7.83 22.72 27.95
C THR A 192 -6.96 21.75 28.75
N ALA A 193 -7.25 21.60 30.06
CA ALA A 193 -6.64 20.56 30.92
C ALA A 193 -6.88 19.18 30.28
N GLU A 194 -8.11 18.89 29.84
CA GLU A 194 -8.48 17.60 29.21
C GLU A 194 -7.66 17.37 27.92
N ASP A 195 -7.35 18.43 27.18
CA ASP A 195 -6.57 18.33 25.91
C ASP A 195 -5.09 17.96 26.22
N ARG A 196 -4.61 18.04 27.46
CA ARG A 196 -3.18 17.77 27.81
C ARG A 196 -2.79 16.33 27.42
N ARG A 197 -3.74 15.40 27.43
CA ARG A 197 -3.48 13.96 27.14
C ARG A 197 -3.78 13.60 25.68
N VAL A 198 -4.03 14.58 24.81
CA VAL A 198 -4.43 14.39 23.38
C VAL A 198 -3.21 14.71 22.51
N GLY A 199 -3.02 13.96 21.44
CA GLY A 199 -1.97 14.24 20.45
C GLY A 199 -2.50 15.13 19.31
N THR A 200 -1.65 16.01 18.80
CA THR A 200 -1.83 16.65 17.47
C THR A 200 -1.58 15.58 16.40
N THR A 201 -0.42 14.92 16.47
CA THR A 201 -0.06 13.73 15.69
C THR A 201 0.30 12.59 16.69
N ASN A 202 -0.37 11.46 16.55
CA ASN A 202 -0.20 10.30 17.46
C ASN A 202 1.16 9.62 17.18
N LEU A 203 1.57 8.76 18.10
CA LEU A 203 2.86 8.01 17.97
C LEU A 203 2.92 7.16 16.68
N HIS A 204 4.02 7.28 15.93
CA HIS A 204 4.29 6.61 14.63
C HIS A 204 5.79 6.59 14.34
N LEU A 205 6.23 5.91 13.29
CA LEU A 205 7.62 6.05 12.79
C LEU A 205 7.62 6.19 11.27
N ASP A 206 8.71 6.69 10.73
CA ASP A 206 8.97 6.99 9.28
C ASP A 206 10.22 6.12 8.89
N VAL A 207 10.27 5.31 7.77
CA VAL A 207 11.49 4.49 7.46
C VAL A 207 12.63 5.34 6.85
N SER A 208 12.37 6.61 6.49
N SER A 208 12.35 6.61 6.49
CA SER A 208 13.43 7.57 6.07
CA SER A 208 13.35 7.60 6.03
C SER A 208 13.70 8.58 7.19
C SER A 208 13.69 8.58 7.19
N ASP A 209 14.86 9.23 7.13
CA ASP A 209 15.19 10.38 8.00
C ASP A 209 14.31 11.56 7.60
N ALA A 210 14.19 12.58 8.43
CA ALA A 210 13.47 13.84 8.07
C ALA A 210 13.98 15.02 8.90
N VAL A 211 13.77 16.21 8.36
CA VAL A 211 13.94 17.50 9.10
C VAL A 211 12.59 18.24 9.06
N ASN A 212 12.08 18.61 10.24
CA ASN A 212 10.82 19.31 10.45
C ASN A 212 11.12 20.75 10.90
N VAL A 213 10.69 21.76 10.10
CA VAL A 213 10.98 23.16 10.44
C VAL A 213 9.70 23.90 10.90
N MET A 214 9.78 24.62 12.03
CA MET A 214 8.65 25.48 12.52
C MET A 214 8.78 26.85 11.84
N VAL A 215 7.88 27.14 10.90
CA VAL A 215 7.96 28.37 10.06
C VAL A 215 6.97 29.42 10.56
N TYR A 216 6.00 29.10 11.45
CA TYR A 216 5.06 30.11 12.02
C TYR A 216 4.38 29.58 13.27
N VAL A 217 4.31 30.39 14.32
CA VAL A 217 3.53 30.11 15.55
C VAL A 217 2.49 31.23 15.69
N GLY A 218 1.21 30.84 15.77
CA GLY A 218 0.08 31.76 15.98
C GLY A 218 -0.40 31.68 17.42
N ILE A 219 -0.22 32.76 18.20
CA ILE A 219 -0.67 32.85 19.62
C ILE A 219 -1.91 33.73 19.66
N PRO A 220 -3.11 33.18 19.97
CA PRO A 220 -4.31 34.01 20.09
C PRO A 220 -4.16 35.03 21.23
N ILE A 221 -4.68 36.25 21.03
CA ILE A 221 -4.68 37.34 22.05
C ILE A 221 -6.14 37.67 22.41
N GLY A 222 -7.08 37.33 21.52
CA GLY A 222 -8.53 37.51 21.71
C GLY A 222 -9.10 36.51 22.71
N GLU A 223 -8.52 35.30 22.78
CA GLU A 223 -8.81 34.27 23.82
C GLU A 223 -7.69 33.21 23.80
N GLY A 224 -6.43 33.66 23.92
CA GLY A 224 -5.24 32.79 23.91
C GLY A 224 -4.04 33.46 24.57
N ALA A 225 -2.82 33.10 24.15
CA ALA A 225 -1.55 33.59 24.74
C ALA A 225 -1.55 33.28 26.24
N HIS A 226 -1.87 32.03 26.60
CA HIS A 226 -2.23 31.59 27.98
C HIS A 226 -1.11 30.72 28.58
N ASP A 227 -0.01 31.34 28.99
CA ASP A 227 1.18 30.63 29.55
C ASP A 227 0.71 29.59 30.57
N GLU A 228 -0.20 29.96 31.49
CA GLU A 228 -0.57 29.11 32.66
C GLU A 228 -0.72 27.65 32.23
N GLU A 229 -1.73 27.31 31.42
CA GLU A 229 -1.94 25.88 30.99
C GLU A 229 -0.76 25.42 30.10
N VAL A 230 -0.12 26.31 29.34
CA VAL A 230 1.08 25.97 28.51
C VAL A 230 2.28 25.60 29.42
N LEU A 231 2.49 26.25 30.57
CA LEU A 231 3.64 25.95 31.50
C LEU A 231 3.49 24.59 32.22
N LYS A 232 2.25 24.26 32.62
N LYS A 232 2.25 24.27 32.64
CA LYS A 232 1.90 22.96 33.25
CA LYS A 232 1.89 22.96 33.24
C LYS A 232 2.07 21.82 32.24
C LYS A 232 2.13 21.83 32.24
N THR A 233 1.78 22.06 30.97
CA THR A 233 1.92 21.05 29.88
C THR A 233 3.41 20.68 29.66
N ILE A 234 4.27 21.69 29.68
CA ILE A 234 5.75 21.54 29.45
C ILE A 234 6.38 20.86 30.67
N ASP A 235 5.98 21.28 31.88
CA ASP A 235 6.43 20.68 33.16
C ASP A 235 6.10 19.17 33.20
N GLU A 236 4.82 18.85 33.10
CA GLU A 236 4.25 17.48 33.06
C GLU A 236 4.81 16.67 31.87
N GLY A 237 5.09 17.35 30.75
CA GLY A 237 5.77 16.79 29.55
C GLY A 237 7.21 16.36 29.84
N ASP A 238 7.78 16.71 31.00
CA ASP A 238 9.12 16.23 31.43
C ASP A 238 10.22 17.04 30.70
N ALA A 239 9.93 18.27 30.30
CA ALA A 239 10.93 19.18 29.71
C ALA A 239 12.05 19.44 30.73
N ASP A 240 13.28 19.63 30.24
CA ASP A 240 14.46 19.80 31.11
C ASP A 240 14.52 21.25 31.59
N GLU A 241 15.33 21.50 32.63
CA GLU A 241 15.42 22.83 33.28
C GLU A 241 15.92 23.88 32.29
N VAL A 242 16.88 23.57 31.42
CA VAL A 242 17.38 24.55 30.43
C VAL A 242 16.27 24.89 29.42
N THR A 243 15.50 23.91 28.95
CA THR A 243 14.32 24.17 28.05
C THR A 243 13.37 25.11 28.81
N LYS A 244 13.16 24.91 30.12
CA LYS A 244 12.22 25.75 30.91
C LYS A 244 12.76 27.17 31.08
N GLU A 245 14.07 27.39 31.02
CA GLU A 245 14.67 28.76 31.02
C GLU A 245 14.36 29.45 29.69
N ARG A 246 14.31 28.72 28.55
CA ARG A 246 14.11 29.32 27.19
C ARG A 246 12.73 30.02 27.10
N ILE A 247 11.74 29.58 27.88
CA ILE A 247 10.40 30.21 27.97
C ILE A 247 10.53 31.60 28.63
N HIS A 248 10.97 31.63 29.89
CA HIS A 248 10.89 32.83 30.78
C HIS A 248 11.91 33.91 30.37
N ASP A 249 13.06 33.54 29.78
CA ASP A 249 14.27 34.41 29.65
C ASP A 249 14.23 35.22 28.33
N HIS A 250 14.39 34.55 27.18
CA HIS A 250 14.60 35.18 25.84
C HIS A 250 13.27 35.61 25.19
N LYS A 251 12.13 35.24 25.78
CA LYS A 251 10.79 35.25 25.15
C LYS A 251 10.94 34.96 23.65
N GLU A 252 11.14 33.69 23.29
CA GLU A 252 10.81 33.14 21.93
C GLU A 252 9.44 32.48 22.02
N LYS A 253 8.77 32.27 20.89
CA LYS A 253 7.40 31.66 20.78
C LYS A 253 7.48 30.14 20.73
N PRO A 254 7.02 29.41 21.76
CA PRO A 254 7.05 27.95 21.78
C PRO A 254 5.87 27.45 20.93
N GLY A 255 6.10 26.50 20.05
CA GLY A 255 5.06 25.98 19.15
C GLY A 255 4.50 24.67 19.59
N ALA A 256 5.38 23.66 19.81
CA ALA A 256 4.91 22.26 19.94
C ALA A 256 5.84 21.46 20.87
N LEU A 257 5.23 20.55 21.63
CA LEU A 257 5.93 19.55 22.49
C LEU A 257 6.01 18.22 21.76
N TRP A 258 7.25 17.74 21.55
CA TRP A 258 7.59 16.44 20.92
C TRP A 258 8.04 15.43 21.99
N HIS A 259 7.72 14.14 21.81
CA HIS A 259 8.46 13.03 22.43
C HIS A 259 9.01 12.17 21.33
N ILE A 260 10.34 11.96 21.30
CA ILE A 260 11.02 11.09 20.33
C ILE A 260 11.70 9.95 21.13
N TYR A 261 11.70 8.75 20.55
CA TYR A 261 12.31 7.52 21.15
C TYR A 261 13.32 6.94 20.18
N ALA A 262 14.42 6.35 20.69
CA ALA A 262 15.43 5.70 19.81
C ALA A 262 14.81 4.58 18.98
N ALA A 263 15.21 4.42 17.73
CA ALA A 263 14.74 3.34 16.83
C ALA A 263 14.95 1.98 17.52
N LYS A 264 16.01 1.82 18.28
CA LYS A 264 16.33 0.53 18.94
C LYS A 264 15.26 0.17 20.01
N ASP A 265 14.45 1.13 20.49
CA ASP A 265 13.43 0.94 21.57
C ASP A 265 12.02 0.70 21.01
N ALA A 266 11.81 0.68 19.69
CA ALA A 266 10.47 0.56 19.07
C ALA A 266 9.73 -0.71 19.54
N GLU A 267 10.42 -1.85 19.62
CA GLU A 267 9.72 -3.11 19.97
C GLU A 267 9.28 -3.07 21.44
N LYS A 268 10.09 -2.52 22.34
CA LYS A 268 9.66 -2.42 23.76
C LYS A 268 8.41 -1.55 23.86
N ILE A 269 8.35 -0.45 23.10
CA ILE A 269 7.14 0.42 23.06
C ILE A 269 5.95 -0.42 22.56
N ARG A 270 6.12 -1.25 21.53
CA ARG A 270 5.02 -2.14 21.05
C ARG A 270 4.57 -3.09 22.20
N GLU A 271 5.51 -3.65 22.94
CA GLU A 271 5.21 -4.58 24.09
C GLU A 271 4.34 -3.85 25.11
N LEU A 272 4.69 -2.64 25.53
CA LEU A 272 3.87 -1.79 26.44
C LEU A 272 2.47 -1.59 25.84
N LEU A 273 2.35 -1.12 24.58
CA LEU A 273 1.01 -0.73 24.03
C LEU A 273 0.15 -1.99 23.77
N ARG A 274 0.76 -3.14 23.47
CA ARG A 274 0.00 -4.43 23.41
C ARG A 274 -0.66 -4.70 24.77
N LYS A 275 0.09 -4.54 25.86
CA LYS A 275 -0.37 -4.84 27.24
C LYS A 275 -1.48 -3.85 27.60
N VAL A 276 -1.27 -2.55 27.34
CA VAL A 276 -2.27 -1.52 27.70
C VAL A 276 -3.54 -1.74 26.87
N GLY A 277 -3.43 -2.04 25.57
CA GLY A 277 -4.57 -2.35 24.71
C GLY A 277 -5.43 -3.44 25.36
N GLU A 278 -4.78 -4.49 25.86
CA GLU A 278 -5.43 -5.69 26.45
C GLU A 278 -6.13 -5.23 27.73
N GLU A 279 -5.42 -4.55 28.63
CA GLU A 279 -5.97 -4.04 29.91
C GLU A 279 -7.24 -3.22 29.62
N GLN A 280 -7.28 -2.48 28.51
CA GLN A 280 -8.39 -1.56 28.17
C GLN A 280 -9.49 -2.34 27.42
N GLY A 281 -9.33 -3.65 27.28
CA GLY A 281 -10.33 -4.54 26.63
C GLY A 281 -10.33 -4.39 25.13
N GLN A 282 -9.22 -4.03 24.49
CA GLN A 282 -9.07 -4.17 23.01
C GLN A 282 -8.84 -5.65 22.71
N GLU A 283 -9.21 -6.12 21.51
CA GLU A 283 -9.09 -7.54 21.12
C GLU A 283 -8.19 -7.64 19.89
N ASN A 284 -6.90 -7.90 20.10
CA ASN A 284 -5.85 -7.77 19.05
C ASN A 284 -4.98 -9.02 19.01
N PRO A 285 -4.63 -9.55 17.82
CA PRO A 285 -3.64 -10.63 17.73
C PRO A 285 -2.32 -10.25 18.40
N PRO A 286 -1.52 -11.24 18.85
CA PRO A 286 -0.33 -10.95 19.66
C PRO A 286 0.85 -10.28 18.92
N ASP A 287 0.80 -10.27 17.58
CA ASP A 287 1.84 -9.73 16.65
C ASP A 287 1.40 -8.39 16.05
N HIS A 288 0.28 -7.84 16.53
CA HIS A 288 -0.35 -6.64 15.95
C HIS A 288 0.56 -5.44 16.26
N ASP A 289 0.64 -4.46 15.36
CA ASP A 289 1.64 -3.35 15.47
C ASP A 289 0.93 -2.06 15.92
N PRO A 290 0.97 -1.71 17.23
CA PRO A 290 0.32 -0.48 17.73
C PRO A 290 1.00 0.84 17.35
N ILE A 291 2.28 0.80 16.94
CA ILE A 291 2.95 2.01 16.39
C ILE A 291 2.42 2.25 14.98
N HIS A 292 2.34 1.22 14.12
CA HIS A 292 1.91 1.43 12.71
C HIS A 292 0.46 1.93 12.66
N ASP A 293 -0.36 1.54 13.62
CA ASP A 293 -1.80 1.93 13.76
C ASP A 293 -1.97 3.43 13.99
N GLN A 294 -0.94 4.08 14.53
CA GLN A 294 -0.96 5.56 14.71
C GLN A 294 -2.17 5.93 15.56
N SER A 295 -2.55 5.10 16.53
CA SER A 295 -3.75 5.33 17.36
C SER A 295 -3.44 5.83 18.77
N TRP A 296 -2.18 5.80 19.24
CA TRP A 296 -1.81 6.06 20.65
C TRP A 296 -1.11 7.41 20.81
N TYR A 297 -1.41 8.10 21.91
CA TYR A 297 -0.61 9.24 22.45
C TYR A 297 -0.11 8.87 23.84
N LEU A 298 1.21 8.86 24.06
CA LEU A 298 1.77 8.52 25.40
C LEU A 298 1.63 9.74 26.29
N ASP A 299 0.66 9.73 27.22
CA ASP A 299 0.47 10.80 28.23
C ASP A 299 1.46 10.65 29.39
N GLN A 300 1.45 11.54 30.37
CA GLN A 300 2.40 11.46 31.52
C GLN A 300 2.39 10.03 32.13
N THR A 301 1.21 9.43 32.34
CA THR A 301 1.11 8.08 32.95
C THR A 301 1.83 7.03 32.09
N LEU A 302 1.59 7.02 30.78
CA LEU A 302 2.15 5.98 29.90
C LEU A 302 3.67 6.24 29.76
N ARG A 303 4.12 7.50 29.75
CA ARG A 303 5.58 7.75 29.62
C ARG A 303 6.32 7.28 30.87
N LYS A 304 5.75 7.49 32.04
CA LYS A 304 6.35 7.04 33.34
C LYS A 304 6.39 5.48 33.37
N ARG A 305 5.32 4.82 32.95
CA ARG A 305 5.30 3.35 32.84
C ARG A 305 6.36 2.82 31.85
N LEU A 306 6.51 3.44 30.68
CA LEU A 306 7.52 3.01 29.70
C LEU A 306 8.92 3.01 30.35
N TYR A 307 9.26 4.05 31.09
CA TYR A 307 10.57 4.21 31.76
C TYR A 307 10.70 3.17 32.89
N GLU A 308 9.70 3.04 33.76
CA GLU A 308 9.77 2.26 35.03
C GLU A 308 9.77 0.74 34.72
N GLU A 309 8.89 0.31 33.83
CA GLU A 309 8.61 -1.12 33.53
C GLU A 309 9.44 -1.67 32.37
N TYR A 310 9.83 -0.82 31.39
CA TYR A 310 10.60 -1.32 30.21
C TYR A 310 12.00 -0.70 30.12
N GLY A 311 12.34 0.24 30.97
CA GLY A 311 13.68 0.85 30.99
C GLY A 311 13.94 1.77 29.80
N VAL A 312 12.90 2.41 29.24
CA VAL A 312 12.99 3.22 27.98
C VAL A 312 12.81 4.71 28.29
N GLN A 313 13.83 5.51 27.93
CA GLN A 313 13.83 6.97 28.16
C GLN A 313 13.63 7.62 26.79
N GLY A 314 12.91 8.72 26.74
CA GLY A 314 12.76 9.51 25.51
C GLY A 314 13.50 10.83 25.53
N TRP A 315 13.32 11.60 24.45
CA TRP A 315 13.73 13.01 24.36
C TRP A 315 12.43 13.84 24.37
N ALA A 316 12.22 14.67 25.38
CA ALA A 316 11.13 15.67 25.42
C ALA A 316 11.66 16.99 24.84
N ILE A 317 11.13 17.43 23.70
CA ILE A 317 11.70 18.56 22.91
C ILE A 317 10.59 19.63 22.76
N VAL A 318 10.87 20.85 23.15
CA VAL A 318 9.96 22.00 22.80
C VAL A 318 10.52 22.70 21.57
N GLN A 319 9.77 22.65 20.46
CA GLN A 319 10.14 23.25 19.15
C GLN A 319 9.58 24.68 19.11
N PHE A 320 10.46 25.68 19.13
CA PHE A 320 10.10 27.12 19.06
C PHE A 320 10.06 27.55 17.59
N LEU A 321 9.52 28.75 17.30
CA LEU A 321 9.64 29.35 15.95
C LEU A 321 11.09 29.27 15.46
N GLY A 322 11.29 28.80 14.24
CA GLY A 322 12.58 28.70 13.54
C GLY A 322 13.38 27.45 13.95
N ASP A 323 12.89 26.62 14.87
CA ASP A 323 13.66 25.40 15.23
C ASP A 323 13.40 24.29 14.19
N ALA A 324 14.46 23.63 13.72
CA ALA A 324 14.45 22.47 12.83
C ALA A 324 14.76 21.23 13.68
N VAL A 325 13.84 20.27 13.69
CA VAL A 325 13.99 19.00 14.45
C VAL A 325 14.41 17.91 13.46
N PHE A 326 15.57 17.28 13.67
CA PHE A 326 16.06 16.15 12.84
C PHE A 326 15.61 14.83 13.47
N ILE A 327 14.79 14.04 12.74
CA ILE A 327 14.14 12.83 13.27
C ILE A 327 14.78 11.61 12.60
N PRO A 328 15.49 10.75 13.36
CA PRO A 328 16.16 9.59 12.76
C PRO A 328 15.15 8.59 12.17
N ALA A 329 15.51 7.99 11.04
CA ALA A 329 14.78 6.86 10.45
C ALA A 329 14.50 5.80 11.53
N GLY A 330 13.26 5.34 11.60
CA GLY A 330 12.87 4.31 12.57
C GLY A 330 12.53 4.81 13.96
N ALA A 331 12.74 6.10 14.30
CA ALA A 331 12.54 6.59 15.67
C ALA A 331 11.07 6.93 15.89
N PRO A 332 10.35 6.23 16.80
CA PRO A 332 8.97 6.57 17.10
C PRO A 332 8.85 8.00 17.66
N HIS A 333 7.82 8.76 17.28
CA HIS A 333 7.69 10.16 17.74
C HIS A 333 6.19 10.55 17.72
N GLN A 334 5.84 11.53 18.54
CA GLN A 334 4.48 12.10 18.71
C GLN A 334 4.65 13.59 18.92
N VAL A 335 3.63 14.36 18.55
CA VAL A 335 3.66 15.85 18.63
C VAL A 335 2.34 16.35 19.24
N HIS A 336 2.44 17.35 20.12
CA HIS A 336 1.33 18.02 20.86
C HIS A 336 1.52 19.53 20.66
N ASN A 337 0.70 20.17 19.81
CA ASN A 337 0.81 21.63 19.59
C ASN A 337 0.38 22.41 20.84
N LEU A 338 1.20 23.38 21.24
CA LEU A 338 0.94 24.25 22.41
C LEU A 338 0.16 25.45 21.92
N TYR A 339 0.51 25.95 20.75
CA TYR A 339 -0.21 27.04 20.01
C TYR A 339 -0.46 26.58 18.59
N SER A 340 -1.13 27.40 17.77
CA SER A 340 -1.36 27.07 16.33
C SER A 340 0.00 27.11 15.60
N CYS A 341 0.30 26.05 14.82
CA CYS A 341 1.59 25.88 14.13
C CYS A 341 1.46 25.67 12.62
N ILE A 342 2.41 26.27 11.88
CA ILE A 342 2.73 25.88 10.48
C ILE A 342 4.14 25.24 10.49
N LYS A 343 4.22 23.96 10.14
CA LYS A 343 5.51 23.21 10.08
C LYS A 343 5.68 22.71 8.65
N VAL A 344 6.91 22.65 8.12
CA VAL A 344 7.20 22.02 6.82
C VAL A 344 8.38 21.08 7.00
N ALA A 345 8.25 19.87 6.47
CA ALA A 345 9.26 18.80 6.64
C ALA A 345 9.72 18.26 5.29
N GLU A 346 11.01 17.86 5.22
CA GLU A 346 11.61 17.21 4.05
C GLU A 346 12.23 15.88 4.50
N ASP A 347 11.94 14.81 3.78
CA ASP A 347 12.57 13.49 4.01
C ASP A 347 13.91 13.39 3.25
N PHE A 348 14.80 12.54 3.74
CA PHE A 348 16.12 12.28 3.10
C PHE A 348 16.59 10.90 3.57
N VAL A 349 17.62 10.34 2.92
CA VAL A 349 18.16 9.01 3.30
C VAL A 349 19.66 9.13 3.61
N SER A 350 20.02 9.33 4.87
CA SER A 350 21.44 9.41 5.26
C SER A 350 22.11 8.04 5.17
N PRO A 351 23.42 7.98 4.90
CA PRO A 351 24.09 6.68 4.95
C PRO A 351 24.09 6.05 6.35
N GLU A 352 24.13 6.87 7.41
CA GLU A 352 24.14 6.42 8.81
C GLU A 352 22.94 5.52 9.13
N HIS A 353 21.79 5.73 8.48
CA HIS A 353 20.54 5.02 8.89
C HIS A 353 19.92 4.21 7.75
N VAL A 354 20.63 4.01 6.63
CA VAL A 354 20.06 3.35 5.43
C VAL A 354 19.52 1.95 5.75
N LYS A 355 20.06 1.19 6.71
CA LYS A 355 19.49 -0.14 7.09
C LYS A 355 17.98 -0.08 7.34
N HIS A 356 17.41 1.03 7.81
CA HIS A 356 15.97 1.09 8.18
C HIS A 356 15.07 0.96 6.96
N CYS A 357 15.55 1.25 5.75
CA CYS A 357 14.68 1.19 4.56
C CYS A 357 15.01 -0.01 3.65
N PHE A 358 15.91 -0.88 4.05
CA PHE A 358 16.23 -2.12 3.26
C PHE A 358 15.07 -3.12 3.34
N ARG A 359 14.70 -3.73 2.21
CA ARG A 359 13.53 -4.65 2.11
C ARG A 359 13.89 -6.12 2.39
N LEU A 360 15.16 -6.47 2.63
CA LEU A 360 15.52 -7.89 2.98
C LEU A 360 16.10 -8.07 4.40
N THR A 361 16.14 -9.33 4.84
CA THR A 361 16.39 -9.84 6.23
C THR A 361 15.75 -8.90 7.25
N MET B 23 -19.20 -42.83 -22.45
CA MET B 23 -18.51 -43.49 -21.29
C MET B 23 -17.33 -42.59 -20.84
N THR B 24 -17.23 -41.39 -21.38
CA THR B 24 -16.10 -40.45 -21.05
C THR B 24 -16.14 -40.16 -19.54
N SER B 25 -15.00 -40.34 -18.86
CA SER B 25 -14.83 -40.10 -17.40
C SER B 25 -15.15 -38.63 -17.10
N HIS B 26 -16.22 -38.35 -16.36
CA HIS B 26 -16.68 -36.95 -16.11
C HIS B 26 -17.52 -36.87 -14.84
N SER B 27 -17.64 -35.68 -14.26
CA SER B 27 -18.58 -35.38 -13.16
C SER B 27 -18.96 -33.91 -13.29
N TRP B 28 -19.74 -33.40 -12.35
CA TRP B 28 -20.32 -32.05 -12.38
C TRP B 28 -20.10 -31.31 -11.05
N LEU B 29 -19.84 -30.02 -11.14
CA LEU B 29 -19.70 -29.07 -9.99
C LEU B 29 -20.66 -27.90 -10.21
N CYS B 30 -20.70 -26.93 -9.31
CA CYS B 30 -21.58 -25.73 -9.42
C CYS B 30 -23.04 -26.20 -9.66
N ASP B 31 -23.52 -27.12 -8.81
CA ASP B 31 -24.89 -27.70 -8.85
C ASP B 31 -25.26 -28.13 -10.28
N GLY B 32 -24.41 -28.94 -10.95
CA GLY B 32 -24.59 -29.42 -12.34
C GLY B 32 -24.30 -28.41 -13.46
N ARG B 33 -23.86 -27.18 -13.19
CA ARG B 33 -23.61 -26.14 -14.24
C ARG B 33 -22.13 -26.11 -14.67
N LEU B 34 -21.27 -27.02 -14.15
CA LEU B 34 -19.82 -27.04 -14.54
C LEU B 34 -19.35 -28.46 -14.87
N LEU B 35 -19.08 -28.74 -16.16
CA LEU B 35 -18.46 -30.02 -16.59
C LEU B 35 -17.03 -30.15 -16.09
N CYS B 36 -16.70 -31.30 -15.50
CA CYS B 36 -15.36 -31.72 -15.05
C CYS B 36 -14.97 -33.00 -15.79
N LEU B 37 -14.07 -32.91 -16.75
CA LEU B 37 -13.45 -34.09 -17.42
C LEU B 37 -12.20 -34.56 -16.65
N HIS B 38 -12.05 -35.88 -16.46
CA HIS B 38 -11.07 -36.47 -15.52
C HIS B 38 -9.94 -37.21 -16.23
N ASP B 39 -10.05 -37.55 -17.51
CA ASP B 39 -8.91 -38.10 -18.27
C ASP B 39 -8.49 -37.11 -19.36
N PRO B 40 -7.39 -36.36 -19.13
CA PRO B 40 -7.03 -35.25 -20.02
C PRO B 40 -6.65 -35.65 -21.46
N SER B 41 -6.34 -36.93 -21.73
CA SER B 41 -5.93 -37.41 -23.08
C SER B 41 -7.01 -38.28 -23.76
N ASN B 42 -8.23 -38.39 -23.23
CA ASN B 42 -9.32 -39.18 -23.87
C ASN B 42 -9.77 -38.50 -25.17
N LYS B 43 -9.69 -39.24 -26.30
CA LYS B 43 -10.02 -38.68 -27.64
C LYS B 43 -11.51 -38.36 -27.77
N ASN B 44 -12.36 -38.78 -26.81
CA ASN B 44 -13.81 -38.45 -26.85
C ASN B 44 -14.20 -37.26 -25.94
N ASN B 45 -13.25 -36.58 -25.28
CA ASN B 45 -13.54 -35.38 -24.43
C ASN B 45 -14.42 -34.34 -25.13
N TRP B 46 -14.28 -34.11 -26.43
CA TRP B 46 -15.05 -33.12 -27.23
C TRP B 46 -16.58 -33.37 -27.17
N LYS B 47 -17.00 -34.61 -27.00
CA LYS B 47 -18.43 -35.03 -27.13
C LYS B 47 -19.33 -34.25 -26.16
N ILE B 48 -19.00 -34.23 -24.87
CA ILE B 48 -19.83 -33.50 -23.84
C ILE B 48 -19.37 -32.03 -23.76
N PHE B 49 -18.09 -31.75 -24.05
CA PHE B 49 -17.57 -30.37 -24.03
C PHE B 49 -18.39 -29.43 -24.91
N ARG B 50 -18.81 -29.92 -26.09
CA ARG B 50 -19.51 -29.12 -27.15
C ARG B 50 -20.76 -28.42 -26.59
N GLU B 51 -21.68 -29.15 -25.93
CA GLU B 51 -22.96 -28.57 -25.46
C GLU B 51 -22.67 -27.47 -24.43
N CYS B 52 -21.70 -27.69 -23.54
CA CYS B 52 -21.39 -26.74 -22.42
C CYS B 52 -20.76 -25.45 -23.00
N TRP B 53 -19.81 -25.61 -23.91
CA TRP B 53 -19.08 -24.49 -24.55
C TRP B 53 -20.04 -23.64 -25.39
N LYS B 54 -20.99 -24.28 -26.08
CA LYS B 54 -22.02 -23.57 -26.89
C LYS B 54 -22.91 -22.71 -25.98
N GLN B 55 -23.24 -23.25 -24.79
CA GLN B 55 -24.03 -22.59 -23.70
C GLN B 55 -23.21 -21.46 -23.05
N GLY B 56 -21.96 -21.24 -23.49
CA GLY B 56 -21.08 -20.16 -22.97
C GLY B 56 -20.50 -20.43 -21.58
N GLN B 57 -20.42 -21.68 -21.20
CA GLN B 57 -19.91 -22.10 -19.87
C GLN B 57 -18.39 -22.30 -19.91
N PRO B 58 -17.67 -22.03 -18.81
CA PRO B 58 -16.33 -22.59 -18.65
C PRO B 58 -16.45 -24.12 -18.49
N VAL B 59 -15.37 -24.83 -18.65
CA VAL B 59 -15.18 -26.29 -18.44
C VAL B 59 -13.88 -26.52 -17.67
N LEU B 60 -13.84 -27.53 -16.79
CA LEU B 60 -12.61 -27.93 -16.04
C LEU B 60 -12.14 -29.30 -16.53
N VAL B 61 -10.85 -29.47 -16.80
CA VAL B 61 -10.23 -30.78 -17.12
C VAL B 61 -9.15 -31.03 -16.07
N SER B 62 -9.21 -32.13 -15.30
CA SER B 62 -8.20 -32.47 -14.27
C SER B 62 -7.10 -33.40 -14.84
N GLY B 63 -6.01 -33.59 -14.11
CA GLY B 63 -4.99 -34.62 -14.37
C GLY B 63 -3.82 -34.18 -15.24
N VAL B 64 -3.74 -32.90 -15.64
CA VAL B 64 -2.73 -32.46 -16.66
C VAL B 64 -1.31 -32.55 -16.06
N HIS B 65 -1.15 -32.27 -14.76
CA HIS B 65 0.12 -32.32 -13.98
C HIS B 65 0.79 -33.70 -14.18
N LYS B 66 -0.03 -34.73 -14.16
CA LYS B 66 0.46 -36.13 -14.25
C LYS B 66 1.04 -36.41 -15.65
N LYS B 67 0.73 -35.62 -16.68
CA LYS B 67 1.24 -35.80 -18.05
C LYS B 67 2.56 -35.02 -18.28
N LEU B 68 2.90 -34.03 -17.43
CA LEU B 68 4.05 -33.11 -17.67
C LEU B 68 5.33 -33.69 -17.05
N LYS B 69 6.49 -33.17 -17.43
CA LYS B 69 7.79 -33.42 -16.74
C LYS B 69 7.86 -32.55 -15.47
N SER B 70 7.49 -33.10 -14.32
CA SER B 70 7.27 -32.29 -13.09
C SER B 70 8.53 -31.49 -12.70
N GLU B 71 9.74 -31.99 -12.98
CA GLU B 71 11.00 -31.28 -12.62
C GLU B 71 11.15 -29.96 -13.40
N LEU B 72 10.45 -29.77 -14.53
CA LEU B 72 10.54 -28.51 -15.32
C LEU B 72 9.75 -27.39 -14.61
N TRP B 73 8.74 -27.72 -13.79
CA TRP B 73 7.70 -26.76 -13.34
C TRP B 73 7.80 -26.56 -11.83
N LYS B 74 8.99 -26.11 -11.39
CA LYS B 74 9.33 -25.98 -9.94
C LYS B 74 10.03 -24.64 -9.71
N PRO B 75 9.68 -23.90 -8.63
CA PRO B 75 10.29 -22.60 -8.34
C PRO B 75 11.83 -22.63 -8.35
N GLU B 76 12.41 -23.65 -7.70
CA GLU B 76 13.91 -23.75 -7.61
C GLU B 76 14.53 -23.87 -9.01
N ALA B 77 13.91 -24.57 -9.99
CA ALA B 77 14.44 -24.68 -11.36
C ALA B 77 14.39 -23.31 -12.06
N PHE B 78 13.32 -22.52 -11.90
CA PHE B 78 13.25 -21.20 -12.57
C PHE B 78 14.34 -20.30 -11.95
N SER B 79 14.58 -20.42 -10.65
CA SER B 79 15.62 -19.62 -9.93
C SER B 79 17.01 -19.98 -10.44
N GLN B 80 17.33 -21.27 -10.54
CA GLN B 80 18.69 -21.72 -10.97
C GLN B 80 18.93 -21.33 -12.42
N GLU B 81 17.94 -21.47 -13.31
CA GLU B 81 18.16 -21.28 -14.77
C GLU B 81 18.13 -19.82 -15.16
N PHE B 82 17.32 -18.98 -14.50
CA PHE B 82 17.00 -17.63 -15.01
C PHE B 82 17.20 -16.55 -13.94
N GLY B 83 17.81 -16.88 -12.81
CA GLY B 83 17.72 -16.03 -11.59
C GLY B 83 18.51 -14.74 -11.63
N ASP B 84 19.48 -14.55 -12.53
CA ASP B 84 20.24 -13.27 -12.60
C ASP B 84 19.66 -12.32 -13.65
N GLN B 85 18.51 -12.64 -14.26
CA GLN B 85 17.78 -11.67 -15.14
C GLN B 85 17.14 -10.56 -14.28
N ASP B 86 16.94 -9.39 -14.86
CA ASP B 86 16.32 -8.22 -14.20
C ASP B 86 14.83 -8.23 -14.57
N VAL B 87 13.98 -7.84 -13.62
CA VAL B 87 12.50 -7.92 -13.81
C VAL B 87 11.79 -6.90 -12.90
N ASP B 88 10.55 -6.58 -13.22
CA ASP B 88 9.65 -5.82 -12.32
C ASP B 88 8.66 -6.77 -11.64
N LEU B 89 8.31 -6.45 -10.40
CA LEU B 89 7.26 -7.18 -9.63
C LEU B 89 6.13 -6.21 -9.32
N VAL B 90 4.94 -6.74 -9.00
CA VAL B 90 3.74 -5.97 -8.57
C VAL B 90 3.35 -6.43 -7.17
N ASN B 91 3.17 -5.49 -6.25
CA ASN B 91 2.60 -5.68 -4.89
C ASN B 91 1.07 -5.80 -5.07
N CYS B 92 0.51 -6.99 -4.84
CA CYS B 92 -0.92 -7.30 -5.05
C CYS B 92 -1.81 -6.48 -4.10
N ARG B 93 -1.32 -6.05 -2.95
CA ARG B 93 -2.14 -5.29 -1.95
C ARG B 93 -2.40 -3.84 -2.40
N ASN B 94 -1.44 -3.18 -3.07
CA ASN B 94 -1.57 -1.74 -3.42
C ASN B 94 -1.32 -1.48 -4.91
N CYS B 95 -1.06 -2.51 -5.73
CA CYS B 95 -0.75 -2.41 -7.18
C CYS B 95 0.54 -1.63 -7.45
N ALA B 96 1.41 -1.39 -6.46
CA ALA B 96 2.72 -0.70 -6.65
C ALA B 96 3.70 -1.58 -7.47
N ILE B 97 4.50 -0.96 -8.34
CA ILE B 97 5.56 -1.66 -9.12
C ILE B 97 6.88 -1.59 -8.36
N ILE B 98 7.51 -2.74 -8.10
CA ILE B 98 8.89 -2.86 -7.57
C ILE B 98 9.79 -3.10 -8.79
N SER B 99 10.48 -2.07 -9.27
CA SER B 99 11.19 -2.07 -10.59
C SER B 99 12.62 -2.62 -10.43
N ASP B 100 13.01 -3.44 -11.41
CA ASP B 100 14.43 -3.79 -11.69
C ASP B 100 15.07 -4.50 -10.49
N VAL B 101 14.47 -5.59 -10.03
CA VAL B 101 15.07 -6.53 -9.06
C VAL B 101 15.40 -7.82 -9.78
N LYS B 102 16.00 -8.78 -9.11
CA LYS B 102 16.42 -10.06 -9.76
C LYS B 102 15.28 -11.06 -9.75
N VAL B 103 15.18 -11.87 -10.81
CA VAL B 103 14.19 -12.98 -10.93
C VAL B 103 14.36 -13.89 -9.70
N ARG B 104 15.59 -14.16 -9.22
CA ARG B 104 15.76 -15.04 -8.03
C ARG B 104 15.12 -14.42 -6.76
N ASP B 105 14.95 -13.11 -6.67
CA ASP B 105 14.35 -12.52 -5.44
C ASP B 105 12.84 -12.82 -5.42
N PHE B 106 12.21 -13.07 -6.57
CA PHE B 106 10.81 -13.52 -6.63
C PHE B 106 10.76 -15.01 -6.26
N TRP B 107 11.51 -15.85 -6.97
CA TRP B 107 11.36 -17.33 -6.85
C TRP B 107 11.88 -17.82 -5.50
N ASP B 108 12.93 -17.23 -4.91
CA ASP B 108 13.48 -17.76 -3.63
C ASP B 108 12.50 -17.55 -2.44
N GLY B 109 11.55 -16.59 -2.51
CA GLY B 109 10.49 -16.33 -1.53
C GLY B 109 9.16 -17.01 -1.87
N PHE B 110 9.14 -17.82 -2.94
CA PHE B 110 7.87 -18.38 -3.42
C PHE B 110 7.15 -19.15 -2.31
N GLU B 111 7.91 -19.99 -1.61
CA GLU B 111 7.38 -20.85 -0.52
C GLU B 111 7.97 -20.52 0.85
N ILE B 112 9.05 -19.73 0.91
CA ILE B 112 9.79 -19.36 2.17
C ILE B 112 9.49 -17.88 2.50
N ILE B 113 8.61 -17.62 3.45
CA ILE B 113 8.04 -16.27 3.72
C ILE B 113 9.15 -15.31 4.22
N CYS B 114 10.12 -15.80 4.98
CA CYS B 114 11.15 -14.91 5.59
C CYS B 114 12.14 -14.43 4.51
N LYS B 115 12.15 -15.01 3.31
CA LYS B 115 13.05 -14.64 2.17
C LYS B 115 12.35 -13.61 1.26
N ARG B 116 11.10 -13.25 1.55
CA ARG B 116 10.36 -12.28 0.71
C ARG B 116 10.83 -10.84 0.95
N LEU B 117 10.81 -10.02 -0.11
CA LEU B 117 10.89 -8.54 -0.03
C LEU B 117 9.81 -8.03 0.90
N ARG B 118 10.14 -7.08 1.78
CA ARG B 118 9.18 -6.47 2.74
C ARG B 118 8.72 -5.09 2.33
N SER B 119 7.53 -4.70 2.79
CA SER B 119 6.94 -3.37 2.59
C SER B 119 7.42 -2.43 3.72
N GLU B 120 7.15 -1.15 3.53
CA GLU B 120 7.39 -0.04 4.51
C GLU B 120 7.06 -0.47 5.95
N ASP B 121 5.99 -1.25 6.17
CA ASP B 121 5.49 -1.73 7.51
C ASP B 121 6.26 -2.91 8.06
N GLY B 122 7.31 -3.39 7.36
CA GLY B 122 8.11 -4.54 7.78
C GLY B 122 7.40 -5.87 7.56
N GLN B 123 6.29 -5.91 6.82
CA GLN B 123 5.57 -7.17 6.50
C GLN B 123 6.08 -7.76 5.18
N PRO B 124 6.19 -9.10 5.06
CA PRO B 124 6.49 -9.74 3.79
C PRO B 124 5.40 -9.40 2.75
N MET B 125 5.82 -9.05 1.53
CA MET B 125 4.87 -8.60 0.48
C MET B 125 4.28 -9.83 -0.24
N VAL B 126 3.04 -9.69 -0.67
CA VAL B 126 2.41 -10.62 -1.66
C VAL B 126 2.68 -10.09 -3.08
N LEU B 127 3.53 -10.77 -3.85
CA LEU B 127 4.07 -10.25 -5.12
C LEU B 127 3.63 -11.12 -6.31
N LYS B 128 3.60 -10.51 -7.48
CA LYS B 128 3.52 -11.24 -8.75
C LYS B 128 4.57 -10.75 -9.74
N LEU B 129 5.04 -11.66 -10.56
CA LEU B 129 6.10 -11.41 -11.57
C LEU B 129 5.38 -10.81 -12.76
N LYS B 130 5.83 -9.65 -13.26
CA LYS B 130 5.24 -8.93 -14.40
C LYS B 130 5.99 -9.23 -15.70
N ASP B 131 5.27 -9.52 -16.79
CA ASP B 131 5.86 -9.52 -18.17
C ASP B 131 7.09 -10.44 -18.20
N TRP B 132 6.95 -11.67 -17.73
CA TRP B 132 8.09 -12.62 -17.70
C TRP B 132 7.64 -14.00 -18.17
N PRO B 133 8.37 -14.64 -19.13
CA PRO B 133 9.40 -13.98 -19.94
C PRO B 133 8.92 -12.75 -20.71
N PRO B 134 9.78 -11.76 -21.06
CA PRO B 134 9.33 -10.53 -21.72
C PRO B 134 8.69 -10.77 -23.09
N GLY B 135 7.59 -10.04 -23.34
CA GLY B 135 6.90 -9.98 -24.65
C GLY B 135 6.43 -11.35 -25.11
N GLU B 136 7.06 -11.86 -26.18
CA GLU B 136 6.71 -13.16 -26.85
C GLU B 136 7.89 -14.12 -26.70
N ASP B 137 8.73 -13.92 -25.69
CA ASP B 137 9.99 -14.68 -25.55
C ASP B 137 9.75 -16.10 -25.04
N PHE B 138 8.52 -16.53 -24.71
CA PHE B 138 8.31 -17.81 -23.95
C PHE B 138 8.94 -18.97 -24.73
N ARG B 139 8.52 -19.18 -25.97
CA ARG B 139 9.08 -20.27 -26.82
C ARG B 139 10.61 -20.18 -26.92
N ASP B 140 11.16 -18.97 -27.07
CA ASP B 140 12.59 -18.70 -27.31
C ASP B 140 13.39 -18.85 -26.02
N MET B 141 12.88 -18.33 -24.89
CA MET B 141 13.61 -18.46 -23.60
C MET B 141 13.47 -19.87 -23.05
N MET B 142 12.35 -20.57 -23.33
CA MET B 142 12.00 -21.82 -22.62
C MET B 142 11.48 -22.91 -23.59
N PRO B 143 12.29 -23.33 -24.57
CA PRO B 143 11.80 -24.25 -25.60
C PRO B 143 11.37 -25.64 -25.11
N THR B 144 12.05 -26.20 -24.10
CA THR B 144 11.68 -27.54 -23.58
C THR B 144 10.34 -27.45 -22.84
N ARG B 145 10.09 -26.38 -22.07
CA ARG B 145 8.78 -26.11 -21.40
C ARG B 145 7.67 -25.85 -22.44
N PHE B 146 7.96 -25.17 -23.54
CA PHE B 146 6.96 -24.98 -24.62
C PHE B 146 6.52 -26.35 -25.16
N GLU B 147 7.47 -27.23 -25.48
CA GLU B 147 7.15 -28.58 -26.07
C GLU B 147 6.31 -29.38 -25.05
N ASP B 148 6.72 -29.36 -23.77
CA ASP B 148 6.08 -30.17 -22.71
C ASP B 148 4.61 -29.73 -22.53
N LEU B 149 4.35 -28.41 -22.50
CA LEU B 149 2.95 -27.92 -22.38
C LEU B 149 2.15 -28.27 -23.64
N MET B 150 2.62 -27.93 -24.85
CA MET B 150 1.77 -28.02 -26.07
C MET B 150 1.45 -29.50 -26.38
N GLU B 151 2.35 -30.44 -26.10
CA GLU B 151 2.12 -31.89 -26.34
C GLU B 151 1.09 -32.45 -25.33
N ASN B 152 0.77 -31.73 -24.25
CA ASN B 152 -0.04 -32.31 -23.16
C ASN B 152 -1.27 -31.45 -22.83
N LEU B 153 -1.55 -30.42 -23.61
CA LEU B 153 -2.79 -29.61 -23.45
C LEU B 153 -4.00 -30.47 -23.77
N PRO B 154 -5.07 -30.39 -22.96
CA PRO B 154 -6.31 -31.09 -23.30
C PRO B 154 -7.06 -30.43 -24.45
N LEU B 155 -8.04 -31.17 -25.01
CA LEU B 155 -8.86 -30.71 -26.18
C LEU B 155 -7.95 -30.15 -27.27
N PRO B 156 -7.00 -30.97 -27.76
CA PRO B 156 -5.99 -30.48 -28.69
C PRO B 156 -6.55 -30.01 -30.05
N GLU B 157 -7.68 -30.55 -30.54
CA GLU B 157 -8.25 -30.01 -31.81
C GLU B 157 -8.67 -28.54 -31.62
N TYR B 158 -8.93 -28.11 -30.39
CA TYR B 158 -9.32 -26.71 -30.07
C TYR B 158 -8.06 -25.91 -29.69
N THR B 159 -7.11 -26.50 -28.98
CA THR B 159 -6.06 -25.69 -28.24
C THR B 159 -4.71 -25.59 -28.99
N LYS B 160 -4.31 -26.60 -29.78
CA LYS B 160 -3.01 -26.61 -30.50
C LYS B 160 -3.09 -25.71 -31.75
N ARG B 161 -1.96 -25.13 -32.19
N ARG B 161 -1.95 -25.16 -32.19
CA ARG B 161 -1.93 -24.21 -33.37
CA ARG B 161 -1.91 -24.21 -33.34
C ARG B 161 -2.55 -24.87 -34.60
C ARG B 161 -2.52 -24.87 -34.59
N ASP B 162 -2.23 -26.15 -34.83
CA ASP B 162 -2.73 -26.87 -36.03
C ASP B 162 -3.96 -27.71 -35.68
N GLY B 163 -4.64 -27.44 -34.57
CA GLY B 163 -5.92 -28.12 -34.26
C GLY B 163 -6.95 -27.93 -35.38
N ARG B 164 -7.74 -28.98 -35.66
CA ARG B 164 -8.84 -28.99 -36.66
C ARG B 164 -9.79 -27.80 -36.42
N LEU B 165 -10.13 -27.51 -35.15
CA LEU B 165 -11.14 -26.48 -34.81
C LEU B 165 -10.50 -25.26 -34.15
N ASN B 166 -9.18 -25.07 -34.22
CA ASN B 166 -8.57 -23.77 -33.82
C ASN B 166 -8.48 -22.87 -35.07
N LEU B 167 -9.18 -21.75 -35.10
CA LEU B 167 -9.22 -20.85 -36.28
C LEU B 167 -8.11 -19.77 -36.19
N ALA B 168 -7.37 -19.66 -35.07
CA ALA B 168 -6.49 -18.48 -34.82
C ALA B 168 -5.46 -18.24 -35.95
N SER B 169 -4.74 -19.26 -36.42
CA SER B 169 -3.70 -19.09 -37.46
C SER B 169 -4.29 -18.76 -38.84
N ARG B 170 -5.59 -19.00 -39.06
CA ARG B 170 -6.24 -18.79 -40.37
C ARG B 170 -6.92 -17.43 -40.46
N LEU B 171 -7.30 -16.80 -39.35
CA LEU B 171 -8.12 -15.54 -39.35
C LEU B 171 -7.26 -14.28 -39.36
N PRO B 172 -7.77 -13.23 -40.06
CA PRO B 172 -7.15 -11.90 -40.00
C PRO B 172 -7.18 -11.20 -38.63
N SER B 173 -6.43 -10.09 -38.52
CA SER B 173 -6.20 -9.38 -37.23
C SER B 173 -7.48 -8.79 -36.67
N TYR B 174 -8.55 -8.62 -37.46
CA TYR B 174 -9.84 -8.10 -36.94
C TYR B 174 -10.63 -9.17 -36.18
N PHE B 175 -10.13 -10.43 -36.12
CA PHE B 175 -10.67 -11.47 -35.20
C PHE B 175 -9.73 -11.78 -34.02
N VAL B 176 -8.41 -11.66 -34.19
CA VAL B 176 -7.43 -12.28 -33.26
C VAL B 176 -6.02 -11.70 -33.50
N ARG B 177 -5.25 -11.53 -32.44
CA ARG B 177 -3.83 -11.14 -32.53
C ARG B 177 -3.03 -12.25 -33.23
N PRO B 178 -2.05 -11.91 -34.09
CA PRO B 178 -1.25 -12.94 -34.76
C PRO B 178 -0.29 -13.71 -33.83
N ASP B 179 0.03 -14.95 -34.23
CA ASP B 179 1.21 -15.67 -33.70
C ASP B 179 1.05 -15.89 -32.19
N LEU B 180 -0.06 -16.50 -31.76
CA LEU B 180 -0.35 -16.74 -30.33
C LEU B 180 0.70 -17.73 -29.79
N GLY B 181 1.15 -17.51 -28.54
CA GLY B 181 2.01 -18.42 -27.75
C GLY B 181 1.66 -18.32 -26.27
N PRO B 182 2.20 -19.22 -25.42
CA PRO B 182 1.81 -19.35 -24.02
C PRO B 182 2.31 -18.19 -23.14
N LYS B 183 1.56 -17.93 -22.10
CA LYS B 183 1.82 -16.82 -21.12
C LYS B 183 1.76 -17.42 -19.70
N MET B 184 2.64 -16.97 -18.81
CA MET B 184 2.62 -17.41 -17.37
C MET B 184 1.87 -16.42 -16.49
N TYR B 185 1.22 -16.93 -15.44
CA TYR B 185 0.64 -16.18 -14.30
C TYR B 185 1.32 -16.71 -13.02
N ASN B 186 2.29 -15.94 -12.47
CA ASN B 186 3.22 -16.36 -11.38
C ASN B 186 3.04 -15.40 -10.19
N ALA B 187 2.43 -15.85 -9.08
CA ALA B 187 2.15 -14.91 -7.95
C ALA B 187 2.11 -15.67 -6.63
N TYR B 188 2.46 -15.01 -5.52
CA TYR B 188 2.35 -15.55 -4.14
C TYR B 188 0.86 -15.72 -3.77
N GLY B 189 0.62 -16.52 -2.73
CA GLY B 189 -0.72 -16.66 -2.11
C GLY B 189 -1.08 -15.43 -1.27
N LEU B 190 -2.33 -15.03 -1.26
CA LEU B 190 -2.86 -14.03 -0.32
C LEU B 190 -3.05 -14.72 1.05
N ILE B 191 -2.85 -13.97 2.14
CA ILE B 191 -2.56 -14.56 3.50
C ILE B 191 -3.56 -14.10 4.57
N THR B 192 -3.82 -12.80 4.69
CA THR B 192 -4.53 -12.23 5.87
C THR B 192 -6.05 -12.19 5.68
N ALA B 193 -6.79 -11.91 6.76
CA ALA B 193 -8.24 -11.66 6.71
C ALA B 193 -8.53 -10.48 5.79
N GLU B 194 -7.73 -9.40 5.88
CA GLU B 194 -7.88 -8.18 5.04
C GLU B 194 -7.62 -8.56 3.58
N ASP B 195 -6.76 -9.55 3.35
CA ASP B 195 -6.39 -10.03 1.98
C ASP B 195 -7.59 -10.74 1.33
N ARG B 196 -8.60 -11.17 2.07
CA ARG B 196 -9.72 -11.97 1.49
C ARG B 196 -10.41 -11.16 0.39
N ARG B 197 -10.42 -9.84 0.51
CA ARG B 197 -11.13 -8.90 -0.39
C ARG B 197 -10.21 -8.40 -1.50
N VAL B 198 -9.01 -8.96 -1.62
CA VAL B 198 -8.00 -8.50 -2.63
C VAL B 198 -7.95 -9.53 -3.79
N GLY B 199 -7.82 -9.05 -5.03
CA GLY B 199 -7.55 -9.94 -6.19
C GLY B 199 -6.06 -10.20 -6.40
N THR B 200 -5.66 -11.42 -6.81
CA THR B 200 -4.36 -11.66 -7.50
C THR B 200 -4.44 -10.96 -8.88
N THR B 201 -5.50 -11.26 -9.63
CA THR B 201 -5.85 -10.63 -10.93
C THR B 201 -7.27 -10.10 -10.81
N ASN B 202 -7.45 -8.78 -10.96
CA ASN B 202 -8.76 -8.12 -10.79
C ASN B 202 -9.70 -8.51 -11.94
N LEU B 203 -11.01 -8.29 -11.72
CA LEU B 203 -12.09 -8.52 -12.71
C LEU B 203 -11.69 -7.91 -14.07
N HIS B 204 -11.72 -8.72 -15.14
CA HIS B 204 -11.37 -8.28 -16.51
C HIS B 204 -12.07 -9.24 -17.48
N LEU B 205 -11.99 -8.97 -18.80
CA LEU B 205 -12.27 -10.01 -19.84
C LEU B 205 -11.09 -10.08 -20.82
N ASP B 206 -10.97 -11.21 -21.54
CA ASP B 206 -9.96 -11.44 -22.61
C ASP B 206 -10.71 -11.58 -23.95
N VAL B 207 -10.11 -11.14 -25.06
CA VAL B 207 -10.84 -10.99 -26.36
C VAL B 207 -10.77 -12.29 -27.16
N SER B 208 -9.97 -13.25 -26.75
CA SER B 208 -9.98 -14.62 -27.37
C SER B 208 -10.47 -15.68 -26.37
N ASP B 209 -10.78 -16.89 -26.84
CA ASP B 209 -10.90 -18.07 -25.95
C ASP B 209 -9.51 -18.42 -25.34
N ALA B 210 -9.44 -19.14 -24.22
CA ALA B 210 -8.18 -19.59 -23.59
C ALA B 210 -8.36 -20.80 -22.69
N VAL B 211 -7.26 -21.45 -22.40
CA VAL B 211 -7.11 -22.50 -21.37
C VAL B 211 -5.99 -22.11 -20.43
N ASN B 212 -6.25 -22.19 -19.14
CA ASN B 212 -5.30 -21.84 -18.05
C ASN B 212 -5.03 -23.10 -17.23
N VAL B 213 -3.77 -23.58 -17.23
CA VAL B 213 -3.34 -24.80 -16.50
C VAL B 213 -2.54 -24.48 -15.22
N MET B 214 -2.96 -25.06 -14.10
CA MET B 214 -2.20 -24.99 -12.82
C MET B 214 -1.05 -26.01 -12.87
N VAL B 215 0.23 -25.56 -12.94
CA VAL B 215 1.38 -26.52 -13.08
C VAL B 215 2.18 -26.67 -11.77
N TYR B 216 2.01 -25.79 -10.79
CA TYR B 216 2.68 -25.93 -9.46
C TYR B 216 1.95 -25.15 -8.38
N VAL B 217 1.75 -25.79 -7.20
CA VAL B 217 1.17 -25.11 -6.01
C VAL B 217 2.20 -25.23 -4.86
N GLY B 218 2.67 -24.09 -4.34
CA GLY B 218 3.70 -24.04 -3.28
C GLY B 218 3.03 -23.62 -1.99
N ILE B 219 3.03 -24.53 -1.01
CA ILE B 219 2.43 -24.32 0.34
C ILE B 219 3.58 -24.13 1.33
N PRO B 220 3.74 -22.93 1.95
CA PRO B 220 4.71 -22.74 3.03
C PRO B 220 4.24 -23.53 4.27
N ILE B 221 5.16 -24.00 5.14
CA ILE B 221 4.81 -24.64 6.45
C ILE B 221 4.97 -23.60 7.58
N ALA B 225 0.75 -24.79 8.64
CA ALA B 225 -0.47 -25.19 7.90
C ALA B 225 -1.57 -24.13 8.09
N HIS B 226 -1.28 -22.87 7.72
CA HIS B 226 -2.18 -21.70 7.91
C HIS B 226 -3.40 -21.86 7.01
N ASP B 227 -4.03 -23.05 7.07
CA ASP B 227 -5.21 -23.47 6.27
C ASP B 227 -6.50 -22.95 6.93
N GLU B 228 -6.37 -22.24 8.06
CA GLU B 228 -7.50 -21.69 8.84
C GLU B 228 -8.23 -20.67 7.95
N GLU B 229 -7.52 -19.60 7.58
CA GLU B 229 -8.00 -18.50 6.70
C GLU B 229 -8.46 -19.07 5.34
N VAL B 230 -7.82 -20.13 4.86
CA VAL B 230 -8.06 -20.70 3.50
C VAL B 230 -9.43 -21.37 3.46
N LEU B 231 -9.79 -22.20 4.45
CA LEU B 231 -11.14 -22.85 4.52
C LEU B 231 -12.24 -21.78 4.59
N LYS B 232 -12.03 -20.72 5.38
CA LYS B 232 -12.98 -19.58 5.50
C LYS B 232 -13.10 -18.86 4.15
N THR B 233 -12.00 -18.62 3.42
CA THR B 233 -12.02 -17.87 2.14
C THR B 233 -12.87 -18.64 1.10
N ILE B 234 -12.74 -19.97 1.11
CA ILE B 234 -13.42 -20.91 0.16
C ILE B 234 -14.93 -20.81 0.37
N ASP B 235 -15.32 -20.86 1.65
CA ASP B 235 -16.72 -20.87 2.13
C ASP B 235 -17.45 -19.56 1.73
N GLU B 236 -16.97 -18.42 2.23
CA GLU B 236 -17.42 -17.05 1.89
C GLU B 236 -17.36 -16.88 0.36
N GLY B 237 -16.38 -17.58 -0.27
CA GLY B 237 -16.14 -17.64 -1.73
C GLY B 237 -17.32 -18.21 -2.50
N ASP B 238 -18.23 -18.94 -1.80
CA ASP B 238 -19.46 -19.55 -2.35
C ASP B 238 -19.13 -20.82 -3.16
N ALA B 239 -17.97 -21.46 -2.94
CA ALA B 239 -17.65 -22.82 -3.45
C ALA B 239 -18.72 -23.82 -2.99
N ASP B 240 -18.96 -24.87 -3.77
CA ASP B 240 -20.03 -25.89 -3.53
C ASP B 240 -19.52 -26.89 -2.48
N GLU B 241 -20.41 -27.71 -1.92
CA GLU B 241 -20.14 -28.54 -0.69
C GLU B 241 -19.10 -29.62 -1.00
N VAL B 242 -19.12 -30.16 -2.22
CA VAL B 242 -18.14 -31.18 -2.68
C VAL B 242 -16.72 -30.59 -2.62
N THR B 243 -16.56 -29.34 -3.03
CA THR B 243 -15.27 -28.60 -3.03
C THR B 243 -14.82 -28.42 -1.57
N LYS B 244 -15.69 -27.86 -0.74
CA LYS B 244 -15.42 -27.68 0.72
C LYS B 244 -14.99 -29.01 1.37
N GLU B 245 -15.81 -30.06 1.27
CA GLU B 245 -15.53 -31.33 1.99
C GLU B 245 -14.31 -31.98 1.33
N ARG B 246 -14.09 -31.73 0.03
CA ARG B 246 -12.95 -32.33 -0.73
C ARG B 246 -11.61 -31.91 -0.12
N ILE B 247 -11.46 -30.68 0.40
CA ILE B 247 -10.15 -30.21 0.92
C ILE B 247 -9.88 -30.81 2.33
N HIS B 248 -10.47 -31.98 2.63
CA HIS B 248 -10.05 -32.92 3.72
C HIS B 248 -10.69 -34.31 3.54
N ASP B 249 -10.59 -34.89 2.33
CA ASP B 249 -11.05 -36.26 1.98
C ASP B 249 -9.86 -37.00 1.34
N HIS B 250 -9.28 -36.42 0.28
CA HIS B 250 -7.84 -36.54 -0.09
C HIS B 250 -7.09 -35.44 0.69
N LYS B 251 -5.80 -35.20 0.38
CA LYS B 251 -5.06 -33.98 0.84
C LYS B 251 -4.44 -33.29 -0.37
N GLU B 252 -5.27 -32.62 -1.17
CA GLU B 252 -4.84 -32.04 -2.48
C GLU B 252 -4.14 -30.70 -2.23
N LYS B 253 -3.70 -30.13 -3.33
CA LYS B 253 -3.05 -28.79 -3.37
C LYS B 253 -4.04 -27.82 -3.99
N PRO B 254 -4.94 -27.15 -3.20
CA PRO B 254 -5.81 -26.11 -3.76
C PRO B 254 -4.99 -24.85 -4.09
N GLY B 255 -5.07 -24.35 -5.33
CA GLY B 255 -4.20 -23.23 -5.78
C GLY B 255 -4.91 -21.88 -5.70
N ALA B 256 -6.04 -21.72 -6.37
CA ALA B 256 -6.66 -20.40 -6.62
C ALA B 256 -8.18 -20.53 -6.66
N LEU B 257 -8.83 -19.47 -6.21
CA LEU B 257 -10.30 -19.28 -6.24
C LEU B 257 -10.64 -18.31 -7.37
N TRP B 258 -11.37 -18.81 -8.36
CA TRP B 258 -11.89 -18.05 -9.53
C TRP B 258 -13.36 -17.69 -9.30
N HIS B 259 -13.78 -16.58 -9.83
CA HIS B 259 -15.20 -16.28 -10.14
C HIS B 259 -15.24 -15.95 -11.63
N ILE B 260 -16.05 -16.67 -12.38
CA ILE B 260 -16.23 -16.46 -13.84
C ILE B 260 -17.71 -16.12 -14.09
N TYR B 261 -17.99 -15.18 -14.99
CA TYR B 261 -19.36 -14.75 -15.39
C TYR B 261 -19.57 -14.99 -16.90
N ALA B 262 -20.82 -15.22 -17.30
CA ALA B 262 -21.21 -15.39 -18.72
C ALA B 262 -20.89 -14.14 -19.55
N ALA B 263 -20.40 -14.30 -20.78
CA ALA B 263 -20.13 -13.15 -21.69
C ALA B 263 -21.39 -12.26 -21.78
N LYS B 264 -22.60 -12.86 -21.78
CA LYS B 264 -23.88 -12.08 -21.94
C LYS B 264 -24.21 -11.26 -20.68
N ASP B 265 -23.51 -11.47 -19.55
CA ASP B 265 -23.79 -10.73 -18.29
C ASP B 265 -22.81 -9.58 -18.09
N ALA B 266 -21.89 -9.30 -19.04
CA ALA B 266 -20.82 -8.28 -18.88
C ALA B 266 -21.45 -6.90 -18.65
N GLU B 267 -22.50 -6.54 -19.40
CA GLU B 267 -23.07 -5.16 -19.35
C GLU B 267 -23.78 -4.95 -18.00
N LYS B 268 -24.51 -5.95 -17.50
CA LYS B 268 -25.13 -5.89 -16.16
C LYS B 268 -24.04 -5.67 -15.11
N ILE B 269 -22.88 -6.31 -15.23
CA ILE B 269 -21.75 -6.10 -14.27
C ILE B 269 -21.25 -4.65 -14.39
N ARG B 270 -21.16 -4.12 -15.62
CA ARG B 270 -20.70 -2.73 -15.83
C ARG B 270 -21.68 -1.78 -15.12
N GLU B 271 -22.98 -2.00 -15.31
CA GLU B 271 -24.08 -1.19 -14.70
C GLU B 271 -23.88 -1.14 -13.17
N LEU B 272 -23.66 -2.29 -12.52
CA LEU B 272 -23.42 -2.35 -11.06
C LEU B 272 -22.21 -1.48 -10.69
N LEU B 273 -21.05 -1.68 -11.31
CA LEU B 273 -19.80 -1.04 -10.83
C LEU B 273 -19.76 0.46 -11.21
N ARG B 274 -20.52 0.92 -12.23
CA ARG B 274 -20.77 2.37 -12.46
C ARG B 274 -21.51 2.95 -11.24
N LYS B 275 -22.53 2.27 -10.72
CA LYS B 275 -23.31 2.77 -9.55
C LYS B 275 -22.40 2.81 -8.31
N VAL B 276 -21.79 1.68 -7.95
CA VAL B 276 -20.93 1.53 -6.74
C VAL B 276 -19.81 2.57 -6.80
N GLY B 277 -19.24 2.82 -7.98
CA GLY B 277 -18.17 3.81 -8.18
C GLY B 277 -18.67 5.22 -7.89
N GLU B 278 -19.88 5.55 -8.37
CA GLU B 278 -20.61 6.83 -8.09
C GLU B 278 -20.71 7.03 -6.57
N GLU B 279 -21.15 5.98 -5.85
CA GLU B 279 -21.30 6.00 -4.38
C GLU B 279 -19.95 6.23 -3.69
N GLN B 280 -18.88 5.62 -4.20
CA GLN B 280 -17.52 5.74 -3.58
C GLN B 280 -16.87 7.10 -3.91
N GLY B 281 -17.48 7.94 -4.75
CA GLY B 281 -16.95 9.29 -5.00
C GLY B 281 -16.35 9.47 -6.39
N GLN B 282 -16.07 8.39 -7.13
CA GLN B 282 -15.50 8.48 -8.51
C GLN B 282 -16.39 9.39 -9.36
N GLU B 283 -15.81 10.13 -10.31
CA GLU B 283 -16.53 11.00 -11.28
C GLU B 283 -16.29 10.47 -12.71
N ASN B 284 -17.15 9.59 -13.20
CA ASN B 284 -16.92 8.79 -14.43
C ASN B 284 -18.03 9.11 -15.43
N PRO B 285 -17.72 9.27 -16.74
CA PRO B 285 -18.77 9.33 -17.79
C PRO B 285 -19.69 8.11 -17.73
N PRO B 286 -20.95 8.20 -18.21
CA PRO B 286 -21.88 7.08 -18.12
C PRO B 286 -21.52 5.97 -19.12
N ASP B 287 -20.62 6.29 -20.06
CA ASP B 287 -19.97 5.39 -21.07
C ASP B 287 -18.90 4.51 -20.42
N HIS B 288 -18.26 4.99 -19.35
CA HIS B 288 -17.03 4.43 -18.75
C HIS B 288 -17.18 2.93 -18.46
N ASP B 289 -16.08 2.18 -18.65
CA ASP B 289 -16.09 0.69 -18.65
C ASP B 289 -15.22 0.19 -17.50
N PRO B 290 -15.85 -0.15 -16.35
CA PRO B 290 -15.18 -0.71 -15.18
C PRO B 290 -14.51 -2.09 -15.38
N ILE B 291 -15.00 -2.88 -16.33
CA ILE B 291 -14.31 -4.16 -16.69
C ILE B 291 -12.99 -3.83 -17.41
N HIS B 292 -12.99 -2.96 -18.42
CA HIS B 292 -11.76 -2.49 -19.12
C HIS B 292 -10.77 -1.92 -18.10
N ASP B 293 -11.23 -1.24 -17.04
CA ASP B 293 -10.31 -0.62 -16.05
C ASP B 293 -9.49 -1.64 -15.26
N GLN B 294 -9.97 -2.88 -15.07
CA GLN B 294 -9.21 -3.96 -14.35
C GLN B 294 -8.86 -3.48 -12.91
N SER B 295 -9.76 -2.73 -12.27
CA SER B 295 -9.52 -2.05 -10.97
C SER B 295 -10.36 -2.66 -9.84
N TRP B 296 -11.28 -3.57 -10.14
CA TRP B 296 -12.28 -4.10 -9.17
C TRP B 296 -12.01 -5.56 -8.85
N TYR B 297 -12.19 -5.92 -7.59
CA TYR B 297 -12.37 -7.33 -7.17
C TYR B 297 -13.74 -7.44 -6.49
N LEU B 298 -14.62 -8.30 -7.02
CA LEU B 298 -15.98 -8.54 -6.44
C LEU B 298 -15.83 -9.37 -5.16
N ASP B 299 -15.89 -8.69 -4.00
CA ASP B 299 -15.88 -9.36 -2.67
C ASP B 299 -17.27 -9.95 -2.41
N GLN B 300 -17.47 -10.56 -1.24
CA GLN B 300 -18.75 -11.24 -0.93
C GLN B 300 -19.91 -10.23 -0.99
N THR B 301 -19.72 -9.05 -0.43
CA THR B 301 -20.75 -7.97 -0.45
C THR B 301 -21.15 -7.70 -1.90
N LEU B 302 -20.17 -7.49 -2.79
CA LEU B 302 -20.47 -7.08 -4.19
C LEU B 302 -21.10 -8.26 -4.98
N ARG B 303 -20.65 -9.50 -4.76
CA ARG B 303 -21.22 -10.70 -5.44
C ARG B 303 -22.68 -10.94 -5.00
N LYS B 304 -23.03 -10.69 -3.73
CA LYS B 304 -24.44 -10.81 -3.25
C LYS B 304 -25.31 -9.73 -3.92
N ARG B 305 -24.85 -8.50 -3.97
CA ARG B 305 -25.55 -7.35 -4.59
C ARG B 305 -25.73 -7.59 -6.10
N LEU B 306 -24.72 -8.18 -6.76
CA LEU B 306 -24.79 -8.44 -8.23
C LEU B 306 -25.96 -9.39 -8.47
N TYR B 307 -26.09 -10.38 -7.62
CA TYR B 307 -27.15 -11.43 -7.72
C TYR B 307 -28.52 -10.80 -7.49
N GLU B 308 -28.67 -10.13 -6.36
N GLU B 308 -28.70 -10.11 -6.37
CA GLU B 308 -29.95 -9.53 -5.84
CA GLU B 308 -30.01 -9.58 -5.90
C GLU B 308 -30.45 -8.45 -6.82
C GLU B 308 -30.47 -8.44 -6.81
N GLU B 309 -29.58 -7.50 -7.17
CA GLU B 309 -29.97 -6.29 -7.96
C GLU B 309 -30.08 -6.61 -9.46
N TYR B 310 -29.30 -7.55 -10.03
CA TYR B 310 -29.19 -7.73 -11.51
C TYR B 310 -29.51 -9.15 -11.97
N GLY B 311 -29.67 -10.11 -11.05
CA GLY B 311 -29.97 -11.52 -11.37
C GLY B 311 -28.77 -12.34 -11.84
N VAL B 312 -27.52 -11.91 -11.59
CA VAL B 312 -26.31 -12.50 -12.22
C VAL B 312 -25.59 -13.37 -11.18
N GLN B 313 -25.36 -14.66 -11.47
CA GLN B 313 -24.86 -15.66 -10.47
C GLN B 313 -23.34 -15.94 -10.60
N GLY B 314 -22.83 -16.26 -11.78
CA GLY B 314 -21.37 -16.59 -11.88
C GLY B 314 -20.96 -17.92 -11.22
N TRP B 315 -19.85 -18.49 -11.66
CA TRP B 315 -19.28 -19.80 -11.27
C TRP B 315 -18.10 -19.58 -10.32
N ALA B 316 -18.17 -20.12 -9.12
CA ALA B 316 -17.07 -20.10 -8.13
C ALA B 316 -16.31 -21.41 -8.26
N ILE B 317 -15.05 -21.35 -8.72
CA ILE B 317 -14.23 -22.55 -9.02
C ILE B 317 -12.91 -22.52 -8.22
N VAL B 318 -12.57 -23.64 -7.58
CA VAL B 318 -11.22 -23.86 -6.96
C VAL B 318 -10.37 -24.69 -7.90
N GLN B 319 -9.29 -24.07 -8.39
CA GLN B 319 -8.31 -24.72 -9.29
C GLN B 319 -7.20 -25.38 -8.46
N PHE B 320 -7.11 -26.70 -8.52
CA PHE B 320 -6.13 -27.59 -7.87
C PHE B 320 -4.98 -27.84 -8.84
N LEU B 321 -3.86 -28.35 -8.35
CA LEU B 321 -2.72 -28.75 -9.17
C LEU B 321 -3.24 -29.64 -10.31
N GLY B 322 -2.87 -29.31 -11.55
CA GLY B 322 -3.14 -30.07 -12.78
C GLY B 322 -4.49 -29.72 -13.39
N ASP B 323 -5.30 -28.84 -12.77
CA ASP B 323 -6.63 -28.45 -13.29
C ASP B 323 -6.42 -27.41 -14.42
N ALA B 324 -7.03 -27.67 -15.58
CA ALA B 324 -7.10 -26.76 -16.75
C ALA B 324 -8.50 -26.11 -16.80
N VAL B 325 -8.56 -24.80 -16.73
CA VAL B 325 -9.80 -23.99 -16.80
C VAL B 325 -9.94 -23.37 -18.19
N PHE B 326 -11.02 -23.73 -18.89
CA PHE B 326 -11.38 -23.20 -20.23
C PHE B 326 -12.28 -21.98 -20.03
N ILE B 327 -11.86 -20.85 -20.61
CA ILE B 327 -12.48 -19.49 -20.37
C ILE B 327 -13.01 -18.97 -21.69
N PRO B 328 -14.34 -18.88 -21.88
CA PRO B 328 -14.90 -18.30 -23.12
C PRO B 328 -14.47 -16.85 -23.38
N ALA B 329 -14.18 -16.52 -24.65
CA ALA B 329 -13.94 -15.13 -25.09
C ALA B 329 -15.05 -14.22 -24.49
N GLY B 330 -14.64 -13.18 -23.80
CA GLY B 330 -15.54 -12.13 -23.28
C GLY B 330 -16.20 -12.48 -21.96
N ALA B 331 -15.96 -13.66 -21.38
CA ALA B 331 -16.50 -14.06 -20.04
C ALA B 331 -15.67 -13.34 -18.97
N PRO B 332 -16.23 -12.34 -18.25
CA PRO B 332 -15.46 -11.67 -17.19
C PRO B 332 -15.04 -12.64 -16.07
N HIS B 333 -13.85 -12.45 -15.52
CA HIS B 333 -13.30 -13.34 -14.49
C HIS B 333 -12.33 -12.56 -13.58
N GLN B 334 -12.15 -13.10 -12.39
CA GLN B 334 -11.18 -12.61 -11.36
C GLN B 334 -10.52 -13.85 -10.72
N VAL B 335 -9.29 -13.70 -10.24
CA VAL B 335 -8.56 -14.80 -9.60
C VAL B 335 -7.94 -14.36 -8.26
N HIS B 336 -8.11 -15.19 -7.23
CA HIS B 336 -7.60 -15.00 -5.84
C HIS B 336 -6.73 -16.18 -5.46
N ASN B 337 -5.40 -16.06 -5.47
CA ASN B 337 -4.52 -17.19 -5.15
C ASN B 337 -4.62 -17.51 -3.63
N LEU B 338 -4.88 -18.76 -3.29
CA LEU B 338 -4.97 -19.30 -1.90
C LEU B 338 -3.58 -19.66 -1.36
N TYR B 339 -2.72 -20.22 -2.21
CA TYR B 339 -1.28 -20.48 -2.03
C TYR B 339 -0.50 -19.91 -3.23
N SER B 340 0.82 -19.99 -3.16
CA SER B 340 1.68 -19.53 -4.28
C SER B 340 1.41 -20.43 -5.51
N CYS B 341 1.21 -19.84 -6.70
CA CYS B 341 0.88 -20.65 -7.93
C CYS B 341 1.80 -20.33 -9.12
N ILE B 342 2.14 -21.35 -9.90
CA ILE B 342 2.62 -21.21 -11.29
C ILE B 342 1.50 -21.68 -12.23
N LYS B 343 0.95 -20.77 -13.04
CA LYS B 343 -0.06 -21.16 -14.07
C LYS B 343 0.49 -20.81 -15.46
N VAL B 344 0.12 -21.57 -16.51
CA VAL B 344 0.50 -21.22 -17.89
C VAL B 344 -0.77 -21.31 -18.73
N ALA B 345 -0.99 -20.36 -19.64
CA ALA B 345 -2.26 -20.26 -20.40
C ALA B 345 -1.96 -20.13 -21.89
N GLU B 346 -2.85 -20.67 -22.73
CA GLU B 346 -2.74 -20.60 -24.22
C GLU B 346 -4.05 -20.04 -24.77
N ASP B 347 -3.98 -18.99 -25.59
CA ASP B 347 -5.14 -18.41 -26.31
C ASP B 347 -5.46 -19.26 -27.56
N PHE B 348 -6.71 -19.29 -27.96
CA PHE B 348 -7.19 -19.99 -29.20
C PHE B 348 -8.51 -19.36 -29.68
N VAL B 349 -9.01 -19.74 -30.86
CA VAL B 349 -10.29 -19.18 -31.40
C VAL B 349 -11.15 -20.37 -31.83
N SER B 350 -12.21 -20.66 -31.09
CA SER B 350 -13.19 -21.73 -31.49
C SER B 350 -14.21 -21.18 -32.49
N PRO B 351 -14.75 -22.04 -33.38
CA PRO B 351 -15.88 -21.64 -34.23
C PRO B 351 -17.12 -21.13 -33.45
N GLU B 352 -17.38 -21.75 -32.30
CA GLU B 352 -18.55 -21.48 -31.40
C GLU B 352 -18.52 -19.99 -31.02
N HIS B 353 -17.33 -19.40 -30.86
CA HIS B 353 -17.17 -18.04 -30.29
C HIS B 353 -16.53 -17.06 -31.30
N VAL B 354 -16.43 -17.40 -32.57
CA VAL B 354 -15.73 -16.48 -33.54
C VAL B 354 -16.47 -15.14 -33.70
N LYS B 355 -17.80 -15.12 -33.63
CA LYS B 355 -18.55 -13.83 -33.72
C LYS B 355 -18.17 -12.90 -32.55
N HIS B 356 -18.19 -13.44 -31.32
CA HIS B 356 -17.71 -12.67 -30.13
C HIS B 356 -16.29 -12.14 -30.35
N CYS B 357 -15.35 -12.97 -30.81
CA CYS B 357 -13.94 -12.58 -31.02
C CYS B 357 -13.86 -11.33 -31.95
N PHE B 358 -14.68 -11.23 -33.01
CA PHE B 358 -14.73 -10.05 -33.91
C PHE B 358 -15.22 -8.81 -33.12
N ARG B 359 -16.34 -8.95 -32.44
CA ARG B 359 -16.96 -7.80 -31.70
C ARG B 359 -16.05 -7.37 -30.54
N LEU B 360 -15.44 -8.31 -29.80
CA LEU B 360 -14.56 -7.95 -28.65
C LEU B 360 -13.29 -7.27 -29.12
N THR B 361 -12.71 -7.73 -30.24
CA THR B 361 -11.54 -7.09 -30.89
C THR B 361 -11.92 -5.65 -31.31
N GLN B 362 -13.13 -5.47 -31.86
CA GLN B 362 -13.62 -4.14 -32.35
C GLN B 362 -13.68 -3.20 -31.11
N GLU B 363 -14.27 -3.67 -30.01
CA GLU B 363 -14.45 -2.84 -28.77
C GLU B 363 -13.09 -2.55 -28.15
N PHE B 364 -12.14 -3.50 -28.19
CA PHE B 364 -10.79 -3.29 -27.60
C PHE B 364 -10.08 -2.15 -28.34
N ARG B 365 -10.14 -2.10 -29.67
CA ARG B 365 -9.51 -1.04 -30.51
C ARG B 365 -10.19 0.29 -30.21
N HIS B 366 -11.52 0.31 -30.06
CA HIS B 366 -12.29 1.53 -29.68
C HIS B 366 -11.86 2.08 -28.30
N LEU B 367 -11.63 1.22 -27.31
CA LEU B 367 -11.27 1.63 -25.92
C LEU B 367 -9.79 2.02 -25.84
N SER B 368 -8.96 1.62 -26.81
CA SER B 368 -7.53 2.03 -26.90
C SER B 368 -7.40 3.53 -27.21
N ASN B 369 -8.18 4.04 -28.17
CA ASN B 369 -8.18 5.47 -28.59
C ASN B 369 -9.58 6.07 -28.44
C W77 C . -23.13 28.20 15.84
N W77 C . -21.55 27.44 17.48
O W77 C . -24.18 24.44 13.71
CL W77 C . -25.75 21.97 14.48
C1 W77 C . -23.36 26.89 15.40
N1 W77 C . -22.65 24.48 15.56
CL1 W77 C . -22.05 18.05 13.53
C2 W77 C . -22.63 25.85 15.99
C3 W77 C . -21.75 26.19 17.03
C4 W77 C . -22.24 28.43 16.86
C5 W77 C . -23.37 23.88 14.50
C6 W77 C . -23.07 22.40 14.35
C7 W77 C . -21.74 21.99 14.20
C8 W77 C . -21.40 20.64 14.00
C9 W77 C . -22.43 19.71 13.94
C10 W77 C . -23.80 20.08 14.12
C11 W77 C . -24.09 21.45 14.31
CL CL D . 26.13 19.38 5.50
CL CL E . 4.63 29.97 -3.66
CL CL F . -2.37 11.24 14.05
CL CL G . 19.83 3.37 13.70
MN MN H . 6.36 11.86 11.70
CL CL I . 12.94 -24.69 -21.14
MN MN J . -7.92 -13.39 -17.97
#